data_1DSD
# 
_entry.id   1DSD 
# 
_audit_conform.dict_name       mmcif_pdbx.dic 
_audit_conform.dict_version    5.398 
_audit_conform.dict_location   http://mmcif.pdb.org/dictionaries/ascii/mmcif_pdbx.dic 
# 
loop_
_database_2.database_id 
_database_2.database_code 
_database_2.pdbx_database_accession 
_database_2.pdbx_DOI 
PDB   1DSD         pdb_00001dsd 10.2210/pdb1dsd/pdb 
WWPDB D_1000172920 ?            ?                   
# 
loop_
_pdbx_audit_revision_history.ordinal 
_pdbx_audit_revision_history.data_content_type 
_pdbx_audit_revision_history.major_revision 
_pdbx_audit_revision_history.minor_revision 
_pdbx_audit_revision_history.revision_date 
1 'Structure model' 1 0 1996-12-07 
2 'Structure model' 1 1 2011-06-14 
3 'Structure model' 1 2 2011-07-13 
4 'Structure model' 1 3 2011-07-27 
5 'Structure model' 1 4 2012-12-12 
6 'Structure model' 2 0 2023-11-15 
7 'Structure model' 3 0 2024-07-10 
8 'Structure model' 3 1 2024-11-06 
# 
_pdbx_audit_revision_details.ordinal             1 
_pdbx_audit_revision_details.revision_ordinal    1 
_pdbx_audit_revision_details.data_content_type   'Structure model' 
_pdbx_audit_revision_details.provider            repository 
_pdbx_audit_revision_details.type                'Initial release' 
_pdbx_audit_revision_details.description         ? 
_pdbx_audit_revision_details.details             ? 
# 
loop_
_pdbx_audit_revision_group.ordinal 
_pdbx_audit_revision_group.revision_ordinal 
_pdbx_audit_revision_group.data_content_type 
_pdbx_audit_revision_group.group 
1  2 'Structure model' 'Version format compliance' 
2  3 'Structure model' 'Version format compliance' 
3  4 'Structure model' 'Atomic model'              
4  4 'Structure model' 'Database references'       
5  4 'Structure model' 'Derived calculations'      
6  4 'Structure model' 'Non-polymer description'   
7  4 'Structure model' 'Structure summary'         
8  5 'Structure model' Other                       
9  6 'Structure model' Advisory                    
10 6 'Structure model' 'Atomic model'              
11 6 'Structure model' 'Data collection'           
12 6 'Structure model' 'Database references'       
13 6 'Structure model' 'Derived calculations'      
14 6 'Structure model' Other                       
15 7 'Structure model' 'Data collection'           
16 7 'Structure model' 'Derived calculations'      
17 7 'Structure model' 'Non-polymer description'   
18 7 'Structure model' 'Structure summary'         
19 8 'Structure model' 'Structure summary'         
# 
loop_
_pdbx_audit_revision_category.ordinal 
_pdbx_audit_revision_category.revision_ordinal 
_pdbx_audit_revision_category.data_content_type 
_pdbx_audit_revision_category.category 
1  6 'Structure model' atom_site                     
2  6 'Structure model' chem_comp_atom                
3  6 'Structure model' chem_comp_bond                
4  6 'Structure model' database_2                    
5  6 'Structure model' pdbx_database_status          
6  6 'Structure model' pdbx_validate_polymer_linkage 
7  6 'Structure model' struct_conn                   
8  6 'Structure model' struct_ref_seq                
9  7 'Structure model' chem_comp                     
10 7 'Structure model' chem_comp_atom                
11 7 'Structure model' chem_comp_bond                
12 7 'Structure model' entity                        
13 7 'Structure model' struct_conn                   
14 8 'Structure model' pdbx_entry_details            
15 8 'Structure model' pdbx_modification_feature     
# 
loop_
_pdbx_audit_revision_item.ordinal 
_pdbx_audit_revision_item.revision_ordinal 
_pdbx_audit_revision_item.data_content_type 
_pdbx_audit_revision_item.item 
1  6 'Structure model' '_atom_site.auth_atom_id'                      
2  6 'Structure model' '_atom_site.label_atom_id'                     
3  6 'Structure model' '_database_2.pdbx_DOI'                         
4  6 'Structure model' '_database_2.pdbx_database_accession'          
5  6 'Structure model' '_pdbx_database_status.process_site'           
6  6 'Structure model' '_struct_conn.pdbx_leaving_atom_flag'          
7  6 'Structure model' '_struct_conn.ptnr1_label_atom_id'             
8  6 'Structure model' '_struct_conn.ptnr2_label_atom_id'             
9  6 'Structure model' '_struct_ref_seq.db_align_beg'                 
10 6 'Structure model' '_struct_ref_seq.db_align_end'                 
11 7 'Structure model' '_chem_comp.formula'                           
12 7 'Structure model' '_chem_comp.formula_weight'                    
13 7 'Structure model' '_entity.formula_weight'                       
14 7 'Structure model' '_struct_conn.pdbx_leaving_atom_flag'          
15 8 'Structure model' '_pdbx_entry_details.has_protein_modification' 
# 
_pdbx_database_status.status_code                     REL 
_pdbx_database_status.entry_id                        1DSD 
_pdbx_database_status.recvd_initial_deposition_date   1996-08-10 
_pdbx_database_status.deposit_site                    ? 
_pdbx_database_status.process_site                    BNL 
_pdbx_database_status.status_code_sf                  ? 
_pdbx_database_status.status_code_mr                  REL 
_pdbx_database_status.SG_entry                        ? 
_pdbx_database_status.pdb_format_compatible           Y 
_pdbx_database_status.status_code_cs                  ? 
_pdbx_database_status.status_code_nmr_data            ? 
_pdbx_database_status.methods_development_category    ? 
# 
loop_
_pdbx_database_related.db_name 
_pdbx_database_related.db_id 
_pdbx_database_related.content_type 
_pdbx_database_related.details 
PDB 1A7Z unspecified 'CRYSTAL STRUCTURE OF ACTINOMYCIN Z3'                                                        
PDB 209D unspecified 'CRYSTAL STRUCTURE OF N8-ACTINOMYCIN D COMPLEXED WITH D(GAAGCTTC)2'                          
PDB 1UNM unspecified 'CRYSTAL STRUCTURE OF 7-AMINOACTINOMYCIN D COMPLEXED WITH NON-COMPLEMENTARY DNA'             
PDB 1I3W unspecified 'CRYSTAL STRUCTURE OF ACTINOMYCIN D COMPLEXED WITH DNA (CGATCGATCG)2'                        
PDB 1A7Y unspecified 'CRYSTAL STRUCTURE OF ACTINOMYCIN D'                                                         
PDB 1FJA unspecified 'SOLUTION STRUCTURE OF ACTINOMYCIN D COMPLEXED WITH DNA (AAGCGCTT)2'                         
PDB 173D unspecified 'CRYSTAL STRUCTURE OF ACTINOMYCIN D COMPLEXED WITH DNA (GAAGCTTC)2'                          
PDB 2D55 unspecified 'CRYSTAL STRUCTURE OF ACTINOMYCIN D COMPLEXED WITH DNA (GAAGCTTC)2'                          
PDB 1DSC unspecified 'SOLUTION STRUCTURE OF ACTINOMYCIN D COMPLEXED WITH DNA (GAAGCTTC)2'                         
PDB 1L1V unspecified 'SOLUTION STRUCTURE OF ACTNIOMYCIN D COMPLEXED WITH MISMATCHED DNA (GTCACCGAC)'              
PDB 316D unspecified 'CRYSTAL STRUCTURE OF F8-ACTINOMYCIN D COMPLEXED WITH DNA (GAAGCTTC)2'                       
PDB 1MNV unspecified 'CRYSTAL STRUCTURE OF ACTINOMYCIN D COMPLEXED WITH DNA (ATGCTGCAT)2'                         
PDB 1UNJ unspecified 'CRYSTAL STRUCTURE OF 7-AMINO-ACTINOMYCIN D COMPLEXED WITH A NON-COMPLEMENTARY DNA (TTAGT)2' 
PDB 1OVF unspecified 'SOLUTIOM STRUCTURE OF ACTINOMYCIN D COMPLEXED WITH DNA (CCGTTTTGTGG)2'                      
PDB 1QFI unspecified 'CRYSTAL STRUCTURE OF ACTINOMYCIN X2'                                                        
# 
loop_
_audit_author.name 
_audit_author.pdbx_ordinal 
'Lian, C.'      1 
'Robinson, H.'  2 
'Wang, A.H.-J.' 3 
# 
_citation.id                        primary 
_citation.title                     
;Structure of Actinomycin D Bound with (Gaagcttc)2 and (Gatgcttc)2 and its Binding to the (Cag)N:(Ctg)N Triplet Sequence by NMR Analysis
;
_citation.journal_abbrev            J.Am.Chem.Soc. 
_citation.journal_volume            118 
_citation.page_first                8791 
_citation.page_last                 ? 
_citation.year                      1996 
_citation.journal_id_ASTM           JACSAT 
_citation.country                   US 
_citation.journal_id_ISSN           0002-7863 
_citation.journal_id_CSD            0004 
_citation.book_publisher            ? 
_citation.pdbx_database_id_PubMed   ? 
_citation.pdbx_database_id_DOI      10.1021/JA961631P 
# 
loop_
_citation_author.citation_id 
_citation_author.name 
_citation_author.ordinal 
_citation_author.identifier_ORCID 
primary 'Lian, C.'      1 ? 
primary 'Robinson, H.'  2 ? 
primary 'Wang, A.H.-J.' 3 ? 
# 
loop_
_entity.id 
_entity.type 
_entity.src_method 
_entity.pdbx_description 
_entity.formula_weight 
_entity.pdbx_number_of_molecules 
_entity.pdbx_ec 
_entity.pdbx_mutation 
_entity.pdbx_fragment 
_entity.details 
1 polymer syn 
;DNA (5'-D(*GP*AP*TP*GP*CP*TP*TP*C)-3')
;
2417.603 2 ? ? ? ? 
2 polymer nat 'ACTINOMYCIN D'                          1291.446 1 ? ? ? ? 
# 
_entity_name_com.entity_id   2 
_entity_name_com.name        DACTINOMYCIN 
# 
loop_
_entity_poly.entity_id 
_entity_poly.type 
_entity_poly.nstd_linkage 
_entity_poly.nstd_monomer 
_entity_poly.pdbx_seq_one_letter_code 
_entity_poly.pdbx_seq_one_letter_code_can 
_entity_poly.pdbx_strand_id 
_entity_poly.pdbx_target_identifier 
1 polydeoxyribonucleotide no no  '(DG)(DA)(DT)(DG)(DC)(DT)(DT)(DC)'        GATGCTTC    A,B ? 
2 'polypeptide(L)'        no yes 'T(DVA)P(SAR)(MVA)(PXZ)T(DVA)P(SAR)(MVA)' TVPGVXTVPGV C   ? 
# 
loop_
_entity_poly_seq.entity_id 
_entity_poly_seq.num 
_entity_poly_seq.mon_id 
_entity_poly_seq.hetero 
1 1  DG  n 
1 2  DA  n 
1 3  DT  n 
1 4  DG  n 
1 5  DC  n 
1 6  DT  n 
1 7  DT  n 
1 8  DC  n 
2 1  THR n 
2 2  DVA n 
2 3  PRO n 
2 4  SAR n 
2 5  MVA n 
2 6  PXZ n 
2 7  THR n 
2 8  DVA n 
2 9  PRO n 
2 10 SAR n 
2 11 MVA n 
# 
_entity_src_nat.entity_id                  2 
_entity_src_nat.pdbx_src_id                1 
_entity_src_nat.pdbx_alt_source_flag       sample 
_entity_src_nat.pdbx_beg_seq_num           ? 
_entity_src_nat.pdbx_end_seq_num           ? 
_entity_src_nat.common_name                ? 
_entity_src_nat.pdbx_organism_scientific   'STREPTOMYCES ANTIBIOTICUS' 
_entity_src_nat.pdbx_ncbi_taxonomy_id      1890 
_entity_src_nat.genus                      ? 
_entity_src_nat.species                    ? 
_entity_src_nat.strain                     ? 
_entity_src_nat.tissue                     ? 
_entity_src_nat.tissue_fraction            ? 
_entity_src_nat.pdbx_secretion             ? 
_entity_src_nat.pdbx_fragment              ? 
_entity_src_nat.pdbx_variant               ? 
_entity_src_nat.pdbx_cell_line             ? 
_entity_src_nat.pdbx_atcc                  ? 
_entity_src_nat.pdbx_cellular_location     ? 
_entity_src_nat.pdbx_organ                 ? 
_entity_src_nat.pdbx_organelle             ? 
_entity_src_nat.pdbx_cell                  ? 
_entity_src_nat.pdbx_plasmid_name          ? 
_entity_src_nat.pdbx_plasmid_details       ? 
_entity_src_nat.details                    ? 
# 
loop_
_chem_comp.id 
_chem_comp.type 
_chem_comp.mon_nstd_flag 
_chem_comp.name 
_chem_comp.pdbx_synonyms 
_chem_comp.formula 
_chem_comp.formula_weight 
DA  'DNA linking'       y "2'-DEOXYADENOSINE-5'-MONOPHOSPHATE"                            ?           'C10 H14 N5 O6 P' 331.222 
DC  'DNA linking'       y "2'-DEOXYCYTIDINE-5'-MONOPHOSPHATE"                             ?           'C9 H14 N3 O7 P'  307.197 
DG  'DNA linking'       y "2'-DEOXYGUANOSINE-5'-MONOPHOSPHATE"                            ?           'C10 H14 N5 O7 P' 347.221 
DT  'DNA linking'       y "THYMIDINE-5'-MONOPHOSPHATE"                                    ?           'C10 H15 N2 O8 P' 322.208 
DVA 'D-peptide linking' . D-VALINE                                                        ?           'C5 H11 N O2'     117.146 
MVA 'L-peptide linking' n N-METHYLVALINE                                                  ?           'C6 H13 N O2'     131.173 
PRO 'L-peptide linking' y PROLINE                                                         ?           'C5 H9 N O2'      115.130 
PXZ non-polymer         . 2-AMINO-1,9-DICARBONYL-4,6-DIMETHYL-10-DEHYDRO-PHENOXAZIN-3-ONE PHENOXAZINE 'C16 H12 N2 O6'   328.276 
SAR 'peptide linking'   n SARCOSINE                                                       ?           'C3 H7 N O2'      89.093  
THR 'L-peptide linking' y THREONINE                                                       ?           'C4 H9 N O3'      119.119 
# 
loop_
_pdbx_poly_seq_scheme.asym_id 
_pdbx_poly_seq_scheme.entity_id 
_pdbx_poly_seq_scheme.seq_id 
_pdbx_poly_seq_scheme.mon_id 
_pdbx_poly_seq_scheme.ndb_seq_num 
_pdbx_poly_seq_scheme.pdb_seq_num 
_pdbx_poly_seq_scheme.auth_seq_num 
_pdbx_poly_seq_scheme.pdb_mon_id 
_pdbx_poly_seq_scheme.auth_mon_id 
_pdbx_poly_seq_scheme.pdb_strand_id 
_pdbx_poly_seq_scheme.pdb_ins_code 
_pdbx_poly_seq_scheme.hetero 
A 1 1  DG  1  1  1  DG  DG  A . n 
A 1 2  DA  2  2  2  DA  DA  A . n 
A 1 3  DT  3  3  3  DT  DT  A . n 
A 1 4  DG  4  4  4  DG  DG  A . n 
A 1 5  DC  5  5  5  DC  DC  A . n 
A 1 6  DT  6  6  6  DT  DT  A . n 
A 1 7  DT  7  7  7  DT  DT  A . n 
A 1 8  DC  8  8  8  DC  DC  A . n 
B 1 1  DG  1  9  9  DG  DG  B . n 
B 1 2  DA  2  10 10 DA  DA  B . n 
B 1 3  DT  3  11 11 DT  DT  B . n 
B 1 4  DG  4  12 12 DG  DG  B . n 
B 1 5  DC  5  13 13 DC  DC  B . n 
B 1 6  DT  6  14 14 DT  DT  B . n 
B 1 7  DT  7  15 15 DT  DT  B . n 
B 1 8  DC  8  16 16 DC  DC  B . n 
C 2 1  THR 1  1  1  THR THR C . n 
C 2 2  DVA 2  2  2  DVA DVA C . n 
C 2 3  PRO 3  3  3  PRO PRO C . n 
C 2 4  SAR 4  4  4  SAR SAR C . n 
C 2 5  MVA 5  5  5  MVA MVA C . n 
C 2 6  PXZ 6  6  6  PXZ PXZ C . n 
C 2 7  THR 7  7  7  THR THR C . n 
C 2 8  DVA 8  8  8  DVA DVA C . n 
C 2 9  PRO 9  9  9  PRO PRO C . n 
C 2 10 SAR 10 10 10 SAR SAR C . n 
C 2 11 MVA 11 11 11 MVA MVA C . n 
# 
loop_
_software.name 
_software.classification 
_software.version 
_software.citation_id 
_software.pdbx_ordinal 
X-PLOR 'model building' 3.1 ? 1 
X-PLOR refinement       3.1 ? 2 
X-PLOR phasing          3.1 ? 3 
# 
_cell.entry_id           1DSD 
_cell.length_a           1.000 
_cell.length_b           1.000 
_cell.length_c           1.000 
_cell.angle_alpha        90.00 
_cell.angle_beta         90.00 
_cell.angle_gamma        90.00 
_cell.Z_PDB              1 
_cell.pdbx_unique_axis   ? 
# 
_symmetry.entry_id                         1DSD 
_symmetry.space_group_name_H-M             'P 1' 
_symmetry.pdbx_full_space_group_name_H-M   ? 
_symmetry.cell_setting                     ? 
_symmetry.Int_Tables_number                1 
# 
_exptl.entry_id          1DSD 
_exptl.method            'SOLUTION NMR' 
_exptl.crystals_number   ? 
# 
_struct.entry_id                  1DSD 
_struct.title                     
;NMR STUDY OF DNA (5'-D(*GP*AP*TP*GP*CP*TP*TP*C)-3') T:T MISMATCHED DUPLEX COMPLEXED WITH ACTINOMYCIN D, MINIMIZED AVERAGE STRUCTURE
;
_struct.pdbx_model_details        ? 
_struct.pdbx_CASP_flag            ? 
_struct.pdbx_model_type_details   ? 
# 
_struct_keywords.entry_id        1DSD 
_struct_keywords.pdbx_keywords   DNA/ANTIBIOTIC 
_struct_keywords.text            
'ACTINOMYCIN D, ACTINOMYCIN, ANTIBIOTIC, ANTI CANCER, ANTITUMOR, CHROMOPHORE, DEPSIPEPTIDE, T:T MISMATCH, DNA-ANTIBIOTIC COMPLEX' 
# 
loop_
_struct_asym.id 
_struct_asym.pdbx_blank_PDB_chainid_flag 
_struct_asym.pdbx_modified 
_struct_asym.entity_id 
_struct_asym.details 
A N N 1 ? 
B N N 1 ? 
C N N 2 ? 
# 
loop_
_struct_ref.id 
_struct_ref.db_name 
_struct_ref.db_code 
_struct_ref.entity_id 
_struct_ref.pdbx_seq_one_letter_code 
_struct_ref.pdbx_align_begin 
_struct_ref.pdbx_db_accession 
_struct_ref.pdbx_db_isoform 
1 PDB 1DSD     1 ? ? 1DSD     ? 
2 NOR NOR00228 2 ? ? NOR00228 ? 
# 
loop_
_struct_ref_seq.align_id 
_struct_ref_seq.ref_id 
_struct_ref_seq.pdbx_PDB_id_code 
_struct_ref_seq.pdbx_strand_id 
_struct_ref_seq.seq_align_beg 
_struct_ref_seq.pdbx_seq_align_beg_ins_code 
_struct_ref_seq.seq_align_end 
_struct_ref_seq.pdbx_seq_align_end_ins_code 
_struct_ref_seq.pdbx_db_accession 
_struct_ref_seq.db_align_beg 
_struct_ref_seq.pdbx_db_align_beg_ins_code 
_struct_ref_seq.db_align_end 
_struct_ref_seq.pdbx_db_align_end_ins_code 
_struct_ref_seq.pdbx_auth_seq_align_beg 
_struct_ref_seq.pdbx_auth_seq_align_end 
1 1 1DSD A 1 ? 8  ? 1DSD     1 ? 8  ? 1 8  
2 1 1DSD B 1 ? 8  ? 1DSD     9 ? 16 ? 9 16 
3 2 1DSD C 1 ? 11 ? NOR00228 1 ? 11 ? 1 11 
# 
_pdbx_struct_assembly.id                   1 
_pdbx_struct_assembly.details              author_and_software_defined_assembly 
_pdbx_struct_assembly.method_details       PISA 
_pdbx_struct_assembly.oligomeric_details   trimeric 
_pdbx_struct_assembly.oligomeric_count     3 
# 
loop_
_pdbx_struct_assembly_prop.biol_id 
_pdbx_struct_assembly_prop.type 
_pdbx_struct_assembly_prop.value 
_pdbx_struct_assembly_prop.details 
1 'ABSA (A^2)' 1260 ? 
1 MORE         -3.0 ? 
1 'SSA (A^2)'  4220 ? 
# 
_pdbx_struct_assembly_gen.assembly_id       1 
_pdbx_struct_assembly_gen.oper_expression   1 
_pdbx_struct_assembly_gen.asym_id_list      A,B,C 
# 
_pdbx_struct_oper_list.id                   1 
_pdbx_struct_oper_list.type                 'identity operation' 
_pdbx_struct_oper_list.name                 1_555 
_pdbx_struct_oper_list.symmetry_operation   x,y,z 
_pdbx_struct_oper_list.matrix[1][1]         1.0000000000 
_pdbx_struct_oper_list.matrix[1][2]         0.0000000000 
_pdbx_struct_oper_list.matrix[1][3]         0.0000000000 
_pdbx_struct_oper_list.vector[1]            0.0000000000 
_pdbx_struct_oper_list.matrix[2][1]         0.0000000000 
_pdbx_struct_oper_list.matrix[2][2]         1.0000000000 
_pdbx_struct_oper_list.matrix[2][3]         0.0000000000 
_pdbx_struct_oper_list.vector[2]            0.0000000000 
_pdbx_struct_oper_list.matrix[3][1]         0.0000000000 
_pdbx_struct_oper_list.matrix[3][2]         0.0000000000 
_pdbx_struct_oper_list.matrix[3][3]         1.0000000000 
_pdbx_struct_oper_list.vector[3]            0.0000000000 
# 
_struct_biol.id   1 
# 
loop_
_struct_conn.id 
_struct_conn.conn_type_id 
_struct_conn.pdbx_leaving_atom_flag 
_struct_conn.pdbx_PDB_id 
_struct_conn.ptnr1_label_asym_id 
_struct_conn.ptnr1_label_comp_id 
_struct_conn.ptnr1_label_seq_id 
_struct_conn.ptnr1_label_atom_id 
_struct_conn.pdbx_ptnr1_label_alt_id 
_struct_conn.pdbx_ptnr1_PDB_ins_code 
_struct_conn.pdbx_ptnr1_standard_comp_id 
_struct_conn.ptnr1_symmetry 
_struct_conn.ptnr2_label_asym_id 
_struct_conn.ptnr2_label_comp_id 
_struct_conn.ptnr2_label_seq_id 
_struct_conn.ptnr2_label_atom_id 
_struct_conn.pdbx_ptnr2_label_alt_id 
_struct_conn.pdbx_ptnr2_PDB_ins_code 
_struct_conn.ptnr1_auth_asym_id 
_struct_conn.ptnr1_auth_comp_id 
_struct_conn.ptnr1_auth_seq_id 
_struct_conn.ptnr2_auth_asym_id 
_struct_conn.ptnr2_auth_comp_id 
_struct_conn.ptnr2_auth_seq_id 
_struct_conn.ptnr2_symmetry 
_struct_conn.pdbx_ptnr3_label_atom_id 
_struct_conn.pdbx_ptnr3_label_seq_id 
_struct_conn.pdbx_ptnr3_label_comp_id 
_struct_conn.pdbx_ptnr3_label_asym_id 
_struct_conn.pdbx_ptnr3_label_alt_id 
_struct_conn.pdbx_ptnr3_PDB_ins_code 
_struct_conn.details 
_struct_conn.pdbx_dist_value 
_struct_conn.pdbx_value_order 
_struct_conn.pdbx_role 
covale1  covale both ? C THR 1  C     ? ? ? 1_555 C DVA 2  N  ? ? C THR 1  C DVA 2  1_555 ? ? ? ? ? ? ?            1.300 ? ? 
covale2  covale one  ? C THR 1  OG1   ? ? ? 1_555 C MVA 5  C  ? ? C THR 1  C MVA 5  1_555 ? ? ? ? ? ? ?            1.310 ? ? 
covale3  covale both ? C THR 1  N     ? ? ? 1_555 C PXZ 6  C0 ? ? C THR 1  C PXZ 6  1_555 ? ? ? ? ? ? ?            1.312 ? ? 
covale4  covale both ? C DVA 2  C     ? ? ? 1_555 C PRO 3  N  ? ? C DVA 2  C PRO 3  1_555 ? ? ? ? ? ? ?            1.312 ? ? 
covale5  covale both ? C PRO 3  C     ? ? ? 1_555 C SAR 4  N  ? ? C PRO 3  C SAR 4  1_555 ? ? ? ? ? ? ?            1.308 ? ? 
covale6  covale both ? C SAR 4  C     ? ? ? 1_555 C MVA 5  N  ? ? C SAR 4  C MVA 5  1_555 ? ? ? ? ? ? ?            1.320 ? ? 
covale7  covale both ? C PXZ 6  "C0'" ? ? ? 1_555 C THR 7  N  ? ? C PXZ 6  C THR 7  1_555 ? ? ? ? ? ? ?            1.304 ? ? 
covale8  covale both ? C THR 7  C     ? ? ? 1_555 C DVA 8  N  ? ? C THR 7  C DVA 8  1_555 ? ? ? ? ? ? ?            1.303 ? ? 
covale9  covale one  ? C THR 7  OG1   ? ? ? 1_555 C MVA 11 C  ? ? C THR 7  C MVA 11 1_555 ? ? ? ? ? ? ?            1.332 ? ? 
covale10 covale both ? C DVA 8  C     ? ? ? 1_555 C PRO 9  N  ? ? C DVA 8  C PRO 9  1_555 ? ? ? ? ? ? ?            1.294 ? ? 
covale11 covale both ? C PRO 9  C     ? ? ? 1_555 C SAR 10 N  ? ? C PRO 9  C SAR 10 1_555 ? ? ? ? ? ? ?            1.302 ? ? 
covale12 covale both ? C SAR 10 C     ? ? ? 1_555 C MVA 11 N  ? ? C SAR 10 C MVA 11 1_555 ? ? ? ? ? ? ?            1.315 ? ? 
hydrog1  hydrog ?    ? A DG  1  N1    ? ? ? 1_555 B DC  8  N3 ? ? A DG  1  B DC  16 1_555 ? ? ? ? ? ? WATSON-CRICK ?     ? ? 
hydrog2  hydrog ?    ? A DG  1  N2    ? ? ? 1_555 B DC  8  O2 ? ? A DG  1  B DC  16 1_555 ? ? ? ? ? ? WATSON-CRICK ?     ? ? 
hydrog3  hydrog ?    ? A DG  1  O6    ? ? ? 1_555 B DC  8  N4 ? ? A DG  1  B DC  16 1_555 ? ? ? ? ? ? WATSON-CRICK ?     ? ? 
hydrog4  hydrog ?    ? A DA  2  N1    ? ? ? 1_555 B DT  6  N3 ? ? A DA  2  B DT  14 1_555 ? ? ? ? ? ? WATSON-CRICK ?     ? ? 
hydrog5  hydrog ?    ? A DA  2  N6    ? ? ? 1_555 B DT  6  O4 ? ? A DA  2  B DT  14 1_555 ? ? ? ? ? ? WATSON-CRICK ?     ? ? 
hydrog6  hydrog ?    ? A DA  2  N1    ? ? ? 1_555 B DT  7  N3 ? ? A DA  2  B DT  15 1_555 ? ? ? ? ? ? WATSON-CRICK ?     ? ? 
hydrog7  hydrog ?    ? A DA  2  N6    ? ? ? 1_555 B DT  7  O4 ? ? A DA  2  B DT  15 1_555 ? ? ? ? ? ? WATSON-CRICK ?     ? ? 
hydrog8  hydrog ?    ? A DT  3  N3    ? ? ? 1_555 B DT  6  O4 ? ? A DT  3  B DT  14 1_555 ? ? ? ? ? ? TYPE_16_PAIR ?     ? ? 
hydrog9  hydrog ?    ? A DT  3  O2    ? ? ? 1_555 B DT  6  N3 ? ? A DT  3  B DT  14 1_555 ? ? ? ? ? ? TYPE_16_PAIR ?     ? ? 
hydrog10 hydrog ?    ? A DG  4  N1    ? ? ? 1_555 B DC  5  N3 ? ? A DG  4  B DC  13 1_555 ? ? ? ? ? ? WATSON-CRICK ?     ? ? 
hydrog11 hydrog ?    ? A DG  4  N2    ? ? ? 1_555 B DC  5  O2 ? ? A DG  4  B DC  13 1_555 ? ? ? ? ? ? WATSON-CRICK ?     ? ? 
hydrog12 hydrog ?    ? A DG  4  O6    ? ? ? 1_555 B DC  5  N4 ? ? A DG  4  B DC  13 1_555 ? ? ? ? ? ? WATSON-CRICK ?     ? ? 
hydrog13 hydrog ?    ? A DC  5  O2    ? ? ? 1_555 B DG  4  N1 ? ? A DC  5  B DG  12 1_555 ? ? ? ? ? ? 'DC-DG PAIR' ?     ? ? 
hydrog14 hydrog ?    ? A DT  6  N3    ? ? ? 1_555 B DA  2  N1 ? ? A DT  6  B DA  10 1_555 ? ? ? ? ? ? WATSON-CRICK ?     ? ? 
hydrog15 hydrog ?    ? A DT  6  O4    ? ? ? 1_555 B DA  2  N6 ? ? A DT  6  B DA  10 1_555 ? ? ? ? ? ? WATSON-CRICK ?     ? ? 
hydrog16 hydrog ?    ? A DT  6  N3    ? ? ? 1_555 B DT  3  O2 ? ? A DT  6  B DT  11 1_555 ? ? ? ? ? ? TYPE_16_PAIR ?     ? ? 
hydrog17 hydrog ?    ? A DT  6  O4    ? ? ? 1_555 B DT  3  N3 ? ? A DT  6  B DT  11 1_555 ? ? ? ? ? ? TYPE_16_PAIR ?     ? ? 
hydrog18 hydrog ?    ? A DT  7  N3    ? ? ? 1_555 B DA  2  N1 ? ? A DT  7  B DA  10 1_555 ? ? ? ? ? ? WATSON-CRICK ?     ? ? 
hydrog19 hydrog ?    ? A DT  7  O4    ? ? ? 1_555 B DA  2  N6 ? ? A DT  7  B DA  10 1_555 ? ? ? ? ? ? WATSON-CRICK ?     ? ? 
hydrog20 hydrog ?    ? A DC  8  N3    ? ? ? 1_555 B DG  1  N1 ? ? A DC  8  B DG  9  1_555 ? ? ? ? ? ? WATSON-CRICK ?     ? ? 
hydrog21 hydrog ?    ? A DC  8  N4    ? ? ? 1_555 B DG  1  O6 ? ? A DC  8  B DG  9  1_555 ? ? ? ? ? ? WATSON-CRICK ?     ? ? 
hydrog22 hydrog ?    ? A DC  8  O2    ? ? ? 1_555 B DG  1  N2 ? ? A DC  8  B DG  9  1_555 ? ? ? ? ? ? WATSON-CRICK ?     ? ? 
# 
loop_
_struct_conn_type.id 
_struct_conn_type.criteria 
_struct_conn_type.reference 
covale ? ? 
hydrog ? ? 
# 
loop_
_pdbx_modification_feature.ordinal 
_pdbx_modification_feature.label_comp_id 
_pdbx_modification_feature.label_asym_id 
_pdbx_modification_feature.label_seq_id 
_pdbx_modification_feature.label_alt_id 
_pdbx_modification_feature.modified_residue_label_comp_id 
_pdbx_modification_feature.modified_residue_label_asym_id 
_pdbx_modification_feature.modified_residue_label_seq_id 
_pdbx_modification_feature.modified_residue_label_alt_id 
_pdbx_modification_feature.auth_comp_id 
_pdbx_modification_feature.auth_asym_id 
_pdbx_modification_feature.auth_seq_id 
_pdbx_modification_feature.PDB_ins_code 
_pdbx_modification_feature.symmetry 
_pdbx_modification_feature.modified_residue_auth_comp_id 
_pdbx_modification_feature.modified_residue_auth_asym_id 
_pdbx_modification_feature.modified_residue_auth_seq_id 
_pdbx_modification_feature.modified_residue_PDB_ins_code 
_pdbx_modification_feature.modified_residue_symmetry 
_pdbx_modification_feature.comp_id_linking_atom 
_pdbx_modification_feature.modified_residue_id_linking_atom 
_pdbx_modification_feature.modified_residue_id 
_pdbx_modification_feature.ref_pcm_id 
_pdbx_modification_feature.ref_comp_id 
_pdbx_modification_feature.type 
_pdbx_modification_feature.category 
1 SAR C 4  ? .   . .  . SAR C 4  ? 1_555 .   . .  . .     .   .  GLY 1 SAR Methylation 'Named protein modification' 
2 MVA C 5  ? .   . .  . MVA C 5  ? 1_555 .   . .  . .     .   .  VAL 1 MVA Methylation 'Named protein modification' 
3 SAR C 10 ? .   . .  . SAR C 10 ? 1_555 .   . .  . .     .   .  GLY 1 SAR Methylation 'Named protein modification' 
4 MVA C 11 ? .   . .  . MVA C 11 ? 1_555 .   . .  . .     .   .  VAL 1 MVA Methylation 'Named protein modification' 
5 PXZ C 6  ? .   . .  . PXZ C 6  ? 1_555 .   . .  . .     .   .  ?   1 PXZ None        'Non-standard residue'       
6 THR C 1  ? MVA C 5  ? THR C 1  ? 1_555 MVA C 5  ? 1_555 OG1 C  .   . .   None        'Non-standard linkage'       
7 THR C 1  ? PXZ C 6  ? THR C 1  ? 1_555 PXZ C 6  ? 1_555 N   C0 .   . .   None        'Non-standard linkage'       
8 THR C 7  ? MVA C 11 ? THR C 7  ? 1_555 MVA C 11 ? 1_555 OG1 C  .   . .   None        'Non-standard linkage'       
# 
loop_
_struct_mon_prot_cis.pdbx_id 
_struct_mon_prot_cis.label_comp_id 
_struct_mon_prot_cis.label_seq_id 
_struct_mon_prot_cis.label_asym_id 
_struct_mon_prot_cis.label_alt_id 
_struct_mon_prot_cis.pdbx_PDB_ins_code 
_struct_mon_prot_cis.auth_comp_id 
_struct_mon_prot_cis.auth_seq_id 
_struct_mon_prot_cis.auth_asym_id 
_struct_mon_prot_cis.pdbx_label_comp_id_2 
_struct_mon_prot_cis.pdbx_label_seq_id_2 
_struct_mon_prot_cis.pdbx_label_asym_id_2 
_struct_mon_prot_cis.pdbx_PDB_ins_code_2 
_struct_mon_prot_cis.pdbx_auth_comp_id_2 
_struct_mon_prot_cis.pdbx_auth_seq_id_2 
_struct_mon_prot_cis.pdbx_auth_asym_id_2 
_struct_mon_prot_cis.pdbx_PDB_model_num 
_struct_mon_prot_cis.pdbx_omega_angle 
1 DVA 2 C . ? DVA 2 C PRO 3  C ? PRO 3  C 1 17.88 
2 PRO 3 C . ? PRO 3 C SAR 4  C ? SAR 4  C 1 -0.74 
3 PRO 9 C . ? PRO 9 C SAR 10 C ? SAR 10 C 1 0.84  
# 
_struct_site.id                   AC1 
_struct_site.pdbx_evidence_code   Software 
_struct_site.pdbx_auth_asym_id    ? 
_struct_site.pdbx_auth_comp_id    ? 
_struct_site.pdbx_auth_seq_id     ? 
_struct_site.pdbx_auth_ins_code   ? 
_struct_site.pdbx_num_residues    10 
_struct_site.details              'BINDING SITE FOR CHAIN C OF ACTINOMYCIN D' 
# 
loop_
_struct_site_gen.id 
_struct_site_gen.site_id 
_struct_site_gen.pdbx_num_res 
_struct_site_gen.label_comp_id 
_struct_site_gen.label_asym_id 
_struct_site_gen.label_seq_id 
_struct_site_gen.pdbx_auth_ins_code 
_struct_site_gen.auth_comp_id 
_struct_site_gen.auth_asym_id 
_struct_site_gen.auth_seq_id 
_struct_site_gen.label_atom_id 
_struct_site_gen.label_alt_id 
_struct_site_gen.symmetry 
_struct_site_gen.details 
1  AC1 10 DT A 3 ? DT A 3  . ? 1_555 ? 
2  AC1 10 DG A 4 ? DG A 4  . ? 1_555 ? 
3  AC1 10 DC A 5 ? DC A 5  . ? 1_555 ? 
4  AC1 10 DT A 6 ? DT A 6  . ? 1_555 ? 
5  AC1 10 DT A 7 ? DT A 7  . ? 1_555 ? 
6  AC1 10 DT B 3 ? DT B 11 . ? 1_555 ? 
7  AC1 10 DG B 4 ? DG B 12 . ? 1_555 ? 
8  AC1 10 DC B 5 ? DC B 13 . ? 1_555 ? 
9  AC1 10 DT B 6 ? DT B 14 . ? 1_555 ? 
10 AC1 10 DT B 7 ? DT B 15 . ? 1_555 ? 
# 
_pdbx_entry_details.entry_id                   1DSD 
_pdbx_entry_details.compound_details           
;ACTINOMYCIN D IS A BICYCLIC PEPTIDE, A MEMBER OF THE                 
  ACTINOMYCIN FAMILY.
  HERE, ACTINOMYCIN D IS REPRESENTED BY THE SEQUENCE (SEQRES)
;
_pdbx_entry_details.source_details             ? 
_pdbx_entry_details.nonpolymer_details         ? 
_pdbx_entry_details.sequence_details           ? 
_pdbx_entry_details.has_ligand_of_interest     ? 
_pdbx_entry_details.has_protein_modification   Y 
# 
_pdbx_validate_close_contact.id               1 
_pdbx_validate_close_contact.PDB_model_num    1 
_pdbx_validate_close_contact.auth_atom_id_1   "H4'" 
_pdbx_validate_close_contact.auth_asym_id_1   B 
_pdbx_validate_close_contact.auth_comp_id_1   DG 
_pdbx_validate_close_contact.auth_seq_id_1    12 
_pdbx_validate_close_contact.PDB_ins_code_1   ? 
_pdbx_validate_close_contact.label_alt_id_1   ? 
_pdbx_validate_close_contact.auth_atom_id_2   O 
_pdbx_validate_close_contact.auth_asym_id_2   C 
_pdbx_validate_close_contact.auth_comp_id_2   MVA 
_pdbx_validate_close_contact.auth_seq_id_2    11 
_pdbx_validate_close_contact.PDB_ins_code_2   ? 
_pdbx_validate_close_contact.label_alt_id_2   ? 
_pdbx_validate_close_contact.dist             1.57 
# 
loop_
_pdbx_validate_rmsd_bond.id 
_pdbx_validate_rmsd_bond.PDB_model_num 
_pdbx_validate_rmsd_bond.auth_atom_id_1 
_pdbx_validate_rmsd_bond.auth_asym_id_1 
_pdbx_validate_rmsd_bond.auth_comp_id_1 
_pdbx_validate_rmsd_bond.auth_seq_id_1 
_pdbx_validate_rmsd_bond.PDB_ins_code_1 
_pdbx_validate_rmsd_bond.label_alt_id_1 
_pdbx_validate_rmsd_bond.auth_atom_id_2 
_pdbx_validate_rmsd_bond.auth_asym_id_2 
_pdbx_validate_rmsd_bond.auth_comp_id_2 
_pdbx_validate_rmsd_bond.auth_seq_id_2 
_pdbx_validate_rmsd_bond.PDB_ins_code_2 
_pdbx_validate_rmsd_bond.label_alt_id_2 
_pdbx_validate_rmsd_bond.bond_value 
_pdbx_validate_rmsd_bond.bond_target_value 
_pdbx_validate_rmsd_bond.bond_deviation 
_pdbx_validate_rmsd_bond.bond_standard_deviation 
_pdbx_validate_rmsd_bond.linker_flag 
1 1 "C5'" A DG 1 ? ? "C4'" A DG 1 ? ? 1.558 1.512 0.046  0.007 N 
2 1 N1    A DC 5 ? ? C6    A DC 5 ? ? 1.324 1.367 -0.043 0.006 N 
3 1 "C5'" B DG 9 ? ? "C4'" B DG 9 ? ? 1.559 1.512 0.047  0.007 N 
# 
loop_
_pdbx_validate_rmsd_angle.id 
_pdbx_validate_rmsd_angle.PDB_model_num 
_pdbx_validate_rmsd_angle.auth_atom_id_1 
_pdbx_validate_rmsd_angle.auth_asym_id_1 
_pdbx_validate_rmsd_angle.auth_comp_id_1 
_pdbx_validate_rmsd_angle.auth_seq_id_1 
_pdbx_validate_rmsd_angle.PDB_ins_code_1 
_pdbx_validate_rmsd_angle.label_alt_id_1 
_pdbx_validate_rmsd_angle.auth_atom_id_2 
_pdbx_validate_rmsd_angle.auth_asym_id_2 
_pdbx_validate_rmsd_angle.auth_comp_id_2 
_pdbx_validate_rmsd_angle.auth_seq_id_2 
_pdbx_validate_rmsd_angle.PDB_ins_code_2 
_pdbx_validate_rmsd_angle.label_alt_id_2 
_pdbx_validate_rmsd_angle.auth_atom_id_3 
_pdbx_validate_rmsd_angle.auth_asym_id_3 
_pdbx_validate_rmsd_angle.auth_comp_id_3 
_pdbx_validate_rmsd_angle.auth_seq_id_3 
_pdbx_validate_rmsd_angle.PDB_ins_code_3 
_pdbx_validate_rmsd_angle.label_alt_id_3 
_pdbx_validate_rmsd_angle.angle_value 
_pdbx_validate_rmsd_angle.angle_target_value 
_pdbx_validate_rmsd_angle.angle_deviation 
_pdbx_validate_rmsd_angle.angle_standard_deviation 
_pdbx_validate_rmsd_angle.linker_flag 
1  1 "O4'" A DG 1  ? ? "C1'" A DG 1  ? ? N9    A DG 1  ? ? 112.23 108.30 3.93  0.30 N 
2  1 "O4'" A DT 3  ? ? "C1'" A DT 3  ? ? N1    A DT 3  ? ? 112.58 108.30 4.28  0.30 N 
3  1 C6    A DT 3  ? ? C5    A DT 3  ? ? C7    A DT 3  ? ? 117.70 122.90 -5.20 0.60 N 
4  1 "C3'" A DT 3  ? ? "O3'" A DT 3  ? ? P     A DG 4  ? ? 130.80 119.70 11.10 1.20 Y 
5  1 "O4'" A DG 4  ? ? "C1'" A DG 4  ? ? N9    A DG 4  ? ? 112.49 108.30 4.19  0.30 N 
6  1 "O4'" A DC 5  ? ? "C1'" A DC 5  ? ? N1    A DC 5  ? ? 122.09 108.30 13.79 0.30 N 
7  1 "O4'" A DT 6  ? ? "C4'" A DT 6  ? ? "C3'" A DT 6  ? ? 98.38  104.50 -6.12 0.40 N 
8  1 "O4'" A DT 6  ? ? "C1'" A DT 6  ? ? N1    A DT 6  ? ? 114.40 108.30 6.10  0.30 N 
9  1 "C3'" A DT 6  ? ? "O3'" A DT 6  ? ? P     A DT 7  ? ? 127.91 119.70 8.21  1.20 Y 
10 1 "O4'" B DG 9  ? ? "C1'" B DG 9  ? ? N9    B DG 9  ? ? 112.25 108.30 3.95  0.30 N 
11 1 "O4'" B DT 11 ? ? "C1'" B DT 11 ? ? N1    B DT 11 ? ? 100.71 108.00 -7.29 0.70 N 
12 1 "C5'" B DG 12 ? ? "C4'" B DG 12 ? ? "O4'" B DG 12 ? ? 119.03 109.80 9.23  1.10 N 
13 1 "O4'" B DG 12 ? ? "C1'" B DG 12 ? ? N9    B DG 12 ? ? 103.19 108.00 -4.81 0.70 N 
14 1 "C1'" B DC 13 ? ? "O4'" B DC 13 ? ? "C4'" B DC 13 ? ? 103.46 110.10 -6.64 1.00 N 
15 1 "O4'" B DC 13 ? ? "C1'" B DC 13 ? ? N1    B DC 13 ? ? 112.08 108.30 3.78  0.30 N 
# 
_pdbx_validate_peptide_omega.id               1 
_pdbx_validate_peptide_omega.PDB_model_num    1 
_pdbx_validate_peptide_omega.auth_comp_id_1   DVA 
_pdbx_validate_peptide_omega.auth_asym_id_1   C 
_pdbx_validate_peptide_omega.auth_seq_id_1    8 
_pdbx_validate_peptide_omega.PDB_ins_code_1   ? 
_pdbx_validate_peptide_omega.label_alt_id_1   ? 
_pdbx_validate_peptide_omega.auth_comp_id_2   PRO 
_pdbx_validate_peptide_omega.auth_asym_id_2   C 
_pdbx_validate_peptide_omega.auth_seq_id_2    9 
_pdbx_validate_peptide_omega.PDB_ins_code_2   ? 
_pdbx_validate_peptide_omega.label_alt_id_2   ? 
_pdbx_validate_peptide_omega.omega            30.15 
# 
loop_
_pdbx_validate_planes.id 
_pdbx_validate_planes.PDB_model_num 
_pdbx_validate_planes.auth_comp_id 
_pdbx_validate_planes.auth_asym_id 
_pdbx_validate_planes.auth_seq_id 
_pdbx_validate_planes.PDB_ins_code 
_pdbx_validate_planes.label_alt_id 
_pdbx_validate_planes.rmsd 
_pdbx_validate_planes.type 
1 1 DC A 5  ? ? 0.101 'SIDE CHAIN' 
2 1 DT A 6  ? ? 0.084 'SIDE CHAIN' 
3 1 DT B 14 ? ? 0.077 'SIDE CHAIN' 
# 
_pdbx_molecule_features.prd_id    PRD_000001 
_pdbx_molecule_features.name      'Actinomycin D' 
_pdbx_molecule_features.type      Polypeptide 
_pdbx_molecule_features.class     Antibiotic 
_pdbx_molecule_features.details   
;ACTINOMYCIN D CONSISTS OF TWO PENTAMER                
  RINGS LINKED BY THE CHROMOPHORE (PXZ)
;
# 
_pdbx_molecule.instance_id   1 
_pdbx_molecule.prd_id        PRD_000001 
_pdbx_molecule.asym_id       C 
# 
_pdbx_nmr_ensemble.entry_id                             1DSD 
_pdbx_nmr_ensemble.conformers_calculated_total_number   ? 
_pdbx_nmr_ensemble.conformers_submitted_total_number    1 
_pdbx_nmr_ensemble.conformer_selection_criteria         'MINIMIZED AVERAGE' 
# 
_pdbx_nmr_exptl_sample_conditions.conditions_id       1 
_pdbx_nmr_exptl_sample_conditions.temperature         275 
_pdbx_nmr_exptl_sample_conditions.pressure_units      ? 
_pdbx_nmr_exptl_sample_conditions.pressure            ? 
_pdbx_nmr_exptl_sample_conditions.pH                  7.0 
_pdbx_nmr_exptl_sample_conditions.ionic_strength      ? 
_pdbx_nmr_exptl_sample_conditions.temperature_units   K 
# 
loop_
_pdbx_nmr_exptl.experiment_id 
_pdbx_nmr_exptl.conditions_id 
_pdbx_nmr_exptl.type 
_pdbx_nmr_exptl.solution_id 
1 1 NOESY 1 
2 1 TOCSY 1 
# 
_pdbx_nmr_refine.entry_id           1DSD 
_pdbx_nmr_refine.method             NOE-RMD 
_pdbx_nmr_refine.details            ? 
_pdbx_nmr_refine.software_ordinal   1 
# 
loop_
_pdbx_nmr_software.classification 
_pdbx_nmr_software.name 
_pdbx_nmr_software.version 
_pdbx_nmr_software.authors 
_pdbx_nmr_software.ordinal 
refinement           X-PLOR  ? BRUNGER 1 
'structure solution' X-PLOR  ? ?       2 
'structure solution' SPEDREF ? ?       3 
# 
loop_
_chem_comp_atom.comp_id 
_chem_comp_atom.atom_id 
_chem_comp_atom.type_symbol 
_chem_comp_atom.pdbx_aromatic_flag 
_chem_comp_atom.pdbx_stereo_config 
_chem_comp_atom.pdbx_ordinal 
DA  OP3    O N N 1   
DA  P      P N N 2   
DA  OP1    O N N 3   
DA  OP2    O N N 4   
DA  "O5'"  O N N 5   
DA  "C5'"  C N N 6   
DA  "C4'"  C N R 7   
DA  "O4'"  O N N 8   
DA  "C3'"  C N S 9   
DA  "O3'"  O N N 10  
DA  "C2'"  C N N 11  
DA  "C1'"  C N R 12  
DA  N9     N Y N 13  
DA  C8     C Y N 14  
DA  N7     N Y N 15  
DA  C5     C Y N 16  
DA  C6     C Y N 17  
DA  N6     N N N 18  
DA  N1     N Y N 19  
DA  C2     C Y N 20  
DA  N3     N Y N 21  
DA  C4     C Y N 22  
DA  HOP3   H N N 23  
DA  HOP2   H N N 24  
DA  "H5'"  H N N 25  
DA  "H5''" H N N 26  
DA  "H4'"  H N N 27  
DA  "H3'"  H N N 28  
DA  "HO3'" H N N 29  
DA  "H2'"  H N N 30  
DA  "H2''" H N N 31  
DA  "H1'"  H N N 32  
DA  H8     H N N 33  
DA  H61    H N N 34  
DA  H62    H N N 35  
DA  H2     H N N 36  
DC  OP3    O N N 37  
DC  P      P N N 38  
DC  OP1    O N N 39  
DC  OP2    O N N 40  
DC  "O5'"  O N N 41  
DC  "C5'"  C N N 42  
DC  "C4'"  C N R 43  
DC  "O4'"  O N N 44  
DC  "C3'"  C N S 45  
DC  "O3'"  O N N 46  
DC  "C2'"  C N N 47  
DC  "C1'"  C N R 48  
DC  N1     N N N 49  
DC  C2     C N N 50  
DC  O2     O N N 51  
DC  N3     N N N 52  
DC  C4     C N N 53  
DC  N4     N N N 54  
DC  C5     C N N 55  
DC  C6     C N N 56  
DC  HOP3   H N N 57  
DC  HOP2   H N N 58  
DC  "H5'"  H N N 59  
DC  "H5''" H N N 60  
DC  "H4'"  H N N 61  
DC  "H3'"  H N N 62  
DC  "HO3'" H N N 63  
DC  "H2'"  H N N 64  
DC  "H2''" H N N 65  
DC  "H1'"  H N N 66  
DC  H41    H N N 67  
DC  H42    H N N 68  
DC  H5     H N N 69  
DC  H6     H N N 70  
DG  OP3    O N N 71  
DG  P      P N N 72  
DG  OP1    O N N 73  
DG  OP2    O N N 74  
DG  "O5'"  O N N 75  
DG  "C5'"  C N N 76  
DG  "C4'"  C N R 77  
DG  "O4'"  O N N 78  
DG  "C3'"  C N S 79  
DG  "O3'"  O N N 80  
DG  "C2'"  C N N 81  
DG  "C1'"  C N R 82  
DG  N9     N Y N 83  
DG  C8     C Y N 84  
DG  N7     N Y N 85  
DG  C5     C Y N 86  
DG  C6     C N N 87  
DG  O6     O N N 88  
DG  N1     N N N 89  
DG  C2     C N N 90  
DG  N2     N N N 91  
DG  N3     N N N 92  
DG  C4     C Y N 93  
DG  HOP3   H N N 94  
DG  HOP2   H N N 95  
DG  "H5'"  H N N 96  
DG  "H5''" H N N 97  
DG  "H4'"  H N N 98  
DG  "H3'"  H N N 99  
DG  "HO3'" H N N 100 
DG  "H2'"  H N N 101 
DG  "H2''" H N N 102 
DG  "H1'"  H N N 103 
DG  H8     H N N 104 
DG  H1     H N N 105 
DG  H21    H N N 106 
DG  H22    H N N 107 
DT  OP3    O N N 108 
DT  P      P N N 109 
DT  OP1    O N N 110 
DT  OP2    O N N 111 
DT  "O5'"  O N N 112 
DT  "C5'"  C N N 113 
DT  "C4'"  C N R 114 
DT  "O4'"  O N N 115 
DT  "C3'"  C N S 116 
DT  "O3'"  O N N 117 
DT  "C2'"  C N N 118 
DT  "C1'"  C N R 119 
DT  N1     N N N 120 
DT  C2     C N N 121 
DT  O2     O N N 122 
DT  N3     N N N 123 
DT  C4     C N N 124 
DT  O4     O N N 125 
DT  C5     C N N 126 
DT  C7     C N N 127 
DT  C6     C N N 128 
DT  HOP3   H N N 129 
DT  HOP2   H N N 130 
DT  "H5'"  H N N 131 
DT  "H5''" H N N 132 
DT  "H4'"  H N N 133 
DT  "H3'"  H N N 134 
DT  "HO3'" H N N 135 
DT  "H2'"  H N N 136 
DT  "H2''" H N N 137 
DT  "H1'"  H N N 138 
DT  H3     H N N 139 
DT  H71    H N N 140 
DT  H72    H N N 141 
DT  H73    H N N 142 
DT  H6     H N N 143 
DVA N      N N N 144 
DVA CA     C N R 145 
DVA CB     C N N 146 
DVA CG1    C N N 147 
DVA CG2    C N N 148 
DVA C      C N N 149 
DVA O      O N N 150 
DVA OXT    O N N 151 
DVA H      H N N 152 
DVA H2     H N N 153 
DVA HA     H N N 154 
DVA HB     H N N 155 
DVA HG11   H N N 156 
DVA HG12   H N N 157 
DVA HG13   H N N 158 
DVA HG21   H N N 159 
DVA HG22   H N N 160 
DVA HG23   H N N 161 
DVA HXT    H N N 162 
MVA N      N N N 163 
MVA CN     C N N 164 
MVA CA     C N S 165 
MVA CB     C N N 166 
MVA CG1    C N N 167 
MVA CG2    C N N 168 
MVA C      C N N 169 
MVA O      O N N 170 
MVA OXT    O N N 171 
MVA H      H N N 172 
MVA HN1    H N N 173 
MVA HN2    H N N 174 
MVA HN3    H N N 175 
MVA HA     H N N 176 
MVA HB     H N N 177 
MVA HG11   H N N 178 
MVA HG12   H N N 179 
MVA HG13   H N N 180 
MVA HG21   H N N 181 
MVA HG22   H N N 182 
MVA HG23   H N N 183 
MVA HXT    H N N 184 
PRO N      N N N 185 
PRO CA     C N S 186 
PRO C      C N N 187 
PRO O      O N N 188 
PRO CB     C N N 189 
PRO CG     C N N 190 
PRO CD     C N N 191 
PRO OXT    O N N 192 
PRO H      H N N 193 
PRO HA     H N N 194 
PRO HB2    H N N 195 
PRO HB3    H N N 196 
PRO HG2    H N N 197 
PRO HG3    H N N 198 
PRO HD2    H N N 199 
PRO HD3    H N N 200 
PRO HXT    H N N 201 
PXZ C1     C N N 202 
PXZ C0     C N N 203 
PXZ O1     O N N 204 
PXZ C2     C N N 205 
PXZ N2     N N N 206 
PXZ C3     C N N 207 
PXZ O3     O N N 208 
PXZ C4     C N N 209 
PXZ O5     O N N 210 
PXZ C6     C Y N 211 
PXZ C7     C Y N 212 
PXZ C8     C Y N 213 
PXZ C9     C Y N 214 
PXZ "C0'"  C N N 215 
PXZ "O1'"  O N N 216 
PXZ N10    N N N 217 
PXZ C11    C N N 218 
PXZ C12    C N N 219 
PXZ C13    C Y N 220 
PXZ C14    C Y N 221 
PXZ C15    C N N 222 
PXZ C16    C N N 223 
PXZ HN21   H N N 224 
PXZ HN22   H N N 225 
PXZ H7     H N N 226 
PXZ H8     H N N 227 
PXZ H151   H N N 228 
PXZ H152   H N N 229 
PXZ H153   H N N 230 
PXZ H161   H N N 231 
PXZ H162   H N N 232 
PXZ H163   H N N 233 
PXZ "OXT'" O N N 234 
PXZ OXT    O N N 235 
PXZ "HXT'" H N N 236 
PXZ HXT    H N N 237 
SAR N      N N N 238 
SAR CA     C N N 239 
SAR C      C N N 240 
SAR O      O N N 241 
SAR CN     C N N 242 
SAR OXT    O N N 243 
SAR H      H N N 244 
SAR HA2    H N N 245 
SAR HA3    H N N 246 
SAR HN1    H N N 247 
SAR HN2    H N N 248 
SAR HN3    H N N 249 
SAR HXT    H N N 250 
THR N      N N N 251 
THR CA     C N S 252 
THR C      C N N 253 
THR O      O N N 254 
THR CB     C N R 255 
THR OG1    O N N 256 
THR CG2    C N N 257 
THR OXT    O N N 258 
THR H      H N N 259 
THR H2     H N N 260 
THR HA     H N N 261 
THR HB     H N N 262 
THR HG1    H N N 263 
THR HG21   H N N 264 
THR HG22   H N N 265 
THR HG23   H N N 266 
THR HXT    H N N 267 
# 
loop_
_chem_comp_bond.comp_id 
_chem_comp_bond.atom_id_1 
_chem_comp_bond.atom_id_2 
_chem_comp_bond.value_order 
_chem_comp_bond.pdbx_aromatic_flag 
_chem_comp_bond.pdbx_stereo_config 
_chem_comp_bond.pdbx_ordinal 
DA  OP3    P      sing N N 1   
DA  OP3    HOP3   sing N N 2   
DA  P      OP1    doub N N 3   
DA  P      OP2    sing N N 4   
DA  P      "O5'"  sing N N 5   
DA  OP2    HOP2   sing N N 6   
DA  "O5'"  "C5'"  sing N N 7   
DA  "C5'"  "C4'"  sing N N 8   
DA  "C5'"  "H5'"  sing N N 9   
DA  "C5'"  "H5''" sing N N 10  
DA  "C4'"  "O4'"  sing N N 11  
DA  "C4'"  "C3'"  sing N N 12  
DA  "C4'"  "H4'"  sing N N 13  
DA  "O4'"  "C1'"  sing N N 14  
DA  "C3'"  "O3'"  sing N N 15  
DA  "C3'"  "C2'"  sing N N 16  
DA  "C3'"  "H3'"  sing N N 17  
DA  "O3'"  "HO3'" sing N N 18  
DA  "C2'"  "C1'"  sing N N 19  
DA  "C2'"  "H2'"  sing N N 20  
DA  "C2'"  "H2''" sing N N 21  
DA  "C1'"  N9     sing N N 22  
DA  "C1'"  "H1'"  sing N N 23  
DA  N9     C8     sing Y N 24  
DA  N9     C4     sing Y N 25  
DA  C8     N7     doub Y N 26  
DA  C8     H8     sing N N 27  
DA  N7     C5     sing Y N 28  
DA  C5     C6     sing Y N 29  
DA  C5     C4     doub Y N 30  
DA  C6     N6     sing N N 31  
DA  C6     N1     doub Y N 32  
DA  N6     H61    sing N N 33  
DA  N6     H62    sing N N 34  
DA  N1     C2     sing Y N 35  
DA  C2     N3     doub Y N 36  
DA  C2     H2     sing N N 37  
DA  N3     C4     sing Y N 38  
DC  OP3    P      sing N N 39  
DC  OP3    HOP3   sing N N 40  
DC  P      OP1    doub N N 41  
DC  P      OP2    sing N N 42  
DC  P      "O5'"  sing N N 43  
DC  OP2    HOP2   sing N N 44  
DC  "O5'"  "C5'"  sing N N 45  
DC  "C5'"  "C4'"  sing N N 46  
DC  "C5'"  "H5'"  sing N N 47  
DC  "C5'"  "H5''" sing N N 48  
DC  "C4'"  "O4'"  sing N N 49  
DC  "C4'"  "C3'"  sing N N 50  
DC  "C4'"  "H4'"  sing N N 51  
DC  "O4'"  "C1'"  sing N N 52  
DC  "C3'"  "O3'"  sing N N 53  
DC  "C3'"  "C2'"  sing N N 54  
DC  "C3'"  "H3'"  sing N N 55  
DC  "O3'"  "HO3'" sing N N 56  
DC  "C2'"  "C1'"  sing N N 57  
DC  "C2'"  "H2'"  sing N N 58  
DC  "C2'"  "H2''" sing N N 59  
DC  "C1'"  N1     sing N N 60  
DC  "C1'"  "H1'"  sing N N 61  
DC  N1     C2     sing N N 62  
DC  N1     C6     sing N N 63  
DC  C2     O2     doub N N 64  
DC  C2     N3     sing N N 65  
DC  N3     C4     doub N N 66  
DC  C4     N4     sing N N 67  
DC  C4     C5     sing N N 68  
DC  N4     H41    sing N N 69  
DC  N4     H42    sing N N 70  
DC  C5     C6     doub N N 71  
DC  C5     H5     sing N N 72  
DC  C6     H6     sing N N 73  
DG  OP3    P      sing N N 74  
DG  OP3    HOP3   sing N N 75  
DG  P      OP1    doub N N 76  
DG  P      OP2    sing N N 77  
DG  P      "O5'"  sing N N 78  
DG  OP2    HOP2   sing N N 79  
DG  "O5'"  "C5'"  sing N N 80  
DG  "C5'"  "C4'"  sing N N 81  
DG  "C5'"  "H5'"  sing N N 82  
DG  "C5'"  "H5''" sing N N 83  
DG  "C4'"  "O4'"  sing N N 84  
DG  "C4'"  "C3'"  sing N N 85  
DG  "C4'"  "H4'"  sing N N 86  
DG  "O4'"  "C1'"  sing N N 87  
DG  "C3'"  "O3'"  sing N N 88  
DG  "C3'"  "C2'"  sing N N 89  
DG  "C3'"  "H3'"  sing N N 90  
DG  "O3'"  "HO3'" sing N N 91  
DG  "C2'"  "C1'"  sing N N 92  
DG  "C2'"  "H2'"  sing N N 93  
DG  "C2'"  "H2''" sing N N 94  
DG  "C1'"  N9     sing N N 95  
DG  "C1'"  "H1'"  sing N N 96  
DG  N9     C8     sing Y N 97  
DG  N9     C4     sing Y N 98  
DG  C8     N7     doub Y N 99  
DG  C8     H8     sing N N 100 
DG  N7     C5     sing Y N 101 
DG  C5     C6     sing N N 102 
DG  C5     C4     doub Y N 103 
DG  C6     O6     doub N N 104 
DG  C6     N1     sing N N 105 
DG  N1     C2     sing N N 106 
DG  N1     H1     sing N N 107 
DG  C2     N2     sing N N 108 
DG  C2     N3     doub N N 109 
DG  N2     H21    sing N N 110 
DG  N2     H22    sing N N 111 
DG  N3     C4     sing N N 112 
DT  OP3    P      sing N N 113 
DT  OP3    HOP3   sing N N 114 
DT  P      OP1    doub N N 115 
DT  P      OP2    sing N N 116 
DT  P      "O5'"  sing N N 117 
DT  OP2    HOP2   sing N N 118 
DT  "O5'"  "C5'"  sing N N 119 
DT  "C5'"  "C4'"  sing N N 120 
DT  "C5'"  "H5'"  sing N N 121 
DT  "C5'"  "H5''" sing N N 122 
DT  "C4'"  "O4'"  sing N N 123 
DT  "C4'"  "C3'"  sing N N 124 
DT  "C4'"  "H4'"  sing N N 125 
DT  "O4'"  "C1'"  sing N N 126 
DT  "C3'"  "O3'"  sing N N 127 
DT  "C3'"  "C2'"  sing N N 128 
DT  "C3'"  "H3'"  sing N N 129 
DT  "O3'"  "HO3'" sing N N 130 
DT  "C2'"  "C1'"  sing N N 131 
DT  "C2'"  "H2'"  sing N N 132 
DT  "C2'"  "H2''" sing N N 133 
DT  "C1'"  N1     sing N N 134 
DT  "C1'"  "H1'"  sing N N 135 
DT  N1     C2     sing N N 136 
DT  N1     C6     sing N N 137 
DT  C2     O2     doub N N 138 
DT  C2     N3     sing N N 139 
DT  N3     C4     sing N N 140 
DT  N3     H3     sing N N 141 
DT  C4     O4     doub N N 142 
DT  C4     C5     sing N N 143 
DT  C5     C7     sing N N 144 
DT  C5     C6     doub N N 145 
DT  C7     H71    sing N N 146 
DT  C7     H72    sing N N 147 
DT  C7     H73    sing N N 148 
DT  C6     H6     sing N N 149 
DVA N      CA     sing N N 150 
DVA N      H      sing N N 151 
DVA N      H2     sing N N 152 
DVA CA     CB     sing N N 153 
DVA CA     C      sing N N 154 
DVA CA     HA     sing N N 155 
DVA CB     CG1    sing N N 156 
DVA CB     CG2    sing N N 157 
DVA CB     HB     sing N N 158 
DVA CG1    HG11   sing N N 159 
DVA CG1    HG12   sing N N 160 
DVA CG1    HG13   sing N N 161 
DVA CG2    HG21   sing N N 162 
DVA CG2    HG22   sing N N 163 
DVA CG2    HG23   sing N N 164 
DVA C      O      doub N N 165 
DVA C      OXT    sing N N 166 
DVA OXT    HXT    sing N N 167 
MVA N      CN     sing N N 168 
MVA N      CA     sing N N 169 
MVA N      H      sing N N 170 
MVA CN     HN1    sing N N 171 
MVA CN     HN2    sing N N 172 
MVA CN     HN3    sing N N 173 
MVA CA     CB     sing N N 174 
MVA CA     C      sing N N 175 
MVA CA     HA     sing N N 176 
MVA CB     CG1    sing N N 177 
MVA CB     CG2    sing N N 178 
MVA CB     HB     sing N N 179 
MVA CG1    HG11   sing N N 180 
MVA CG1    HG12   sing N N 181 
MVA CG1    HG13   sing N N 182 
MVA CG2    HG21   sing N N 183 
MVA CG2    HG22   sing N N 184 
MVA CG2    HG23   sing N N 185 
MVA C      O      doub N N 186 
MVA C      OXT    sing N N 187 
MVA OXT    HXT    sing N N 188 
PRO N      CA     sing N N 189 
PRO N      CD     sing N N 190 
PRO N      H      sing N N 191 
PRO CA     C      sing N N 192 
PRO CA     CB     sing N N 193 
PRO CA     HA     sing N N 194 
PRO C      O      doub N N 195 
PRO C      OXT    sing N N 196 
PRO CB     CG     sing N N 197 
PRO CB     HB2    sing N N 198 
PRO CB     HB3    sing N N 199 
PRO CG     CD     sing N N 200 
PRO CG     HG2    sing N N 201 
PRO CG     HG3    sing N N 202 
PRO CD     HD2    sing N N 203 
PRO CD     HD3    sing N N 204 
PRO OXT    HXT    sing N N 205 
PXZ C1     C0     sing N N 206 
PXZ C1     C2     doub N N 207 
PXZ C1     C11    sing N N 208 
PXZ C0     O1     doub N N 209 
PXZ C2     N2     sing N N 210 
PXZ C2     C3     sing N N 211 
PXZ N2     HN21   sing N N 212 
PXZ N2     HN22   sing N N 213 
PXZ C3     O3     doub N N 214 
PXZ C3     C4     sing N N 215 
PXZ C4     C12    doub N N 216 
PXZ C4     C15    sing N N 217 
PXZ O5     C12    sing N N 218 
PXZ O5     C13    sing N N 219 
PXZ C6     C7     doub Y N 220 
PXZ C6     C13    sing Y N 221 
PXZ C6     C16    sing N N 222 
PXZ C7     C8     sing Y N 223 
PXZ C7     H7     sing N N 224 
PXZ C8     C9     doub Y N 225 
PXZ C8     H8     sing N N 226 
PXZ C9     "C0'"  sing N N 227 
PXZ C9     C14    sing Y N 228 
PXZ "C0'"  "O1'"  doub N N 229 
PXZ N10    C11    doub N N 230 
PXZ N10    C14    sing N N 231 
PXZ C11    C12    sing N N 232 
PXZ C13    C14    doub Y N 233 
PXZ C15    H151   sing N N 234 
PXZ C15    H152   sing N N 235 
PXZ C15    H153   sing N N 236 
PXZ C16    H161   sing N N 237 
PXZ C16    H162   sing N N 238 
PXZ C16    H163   sing N N 239 
PXZ "C0'"  "OXT'" sing N N 240 
PXZ C0     OXT    sing N N 241 
PXZ "OXT'" "HXT'" sing N N 242 
PXZ OXT    HXT    sing N N 243 
SAR N      CA     sing N N 244 
SAR N      CN     sing N N 245 
SAR N      H      sing N N 246 
SAR CA     C      sing N N 247 
SAR CA     HA2    sing N N 248 
SAR CA     HA3    sing N N 249 
SAR C      O      doub N N 250 
SAR C      OXT    sing N N 251 
SAR CN     HN1    sing N N 252 
SAR CN     HN2    sing N N 253 
SAR CN     HN3    sing N N 254 
SAR OXT    HXT    sing N N 255 
THR N      CA     sing N N 256 
THR N      H      sing N N 257 
THR N      H2     sing N N 258 
THR CA     C      sing N N 259 
THR CA     CB     sing N N 260 
THR CA     HA     sing N N 261 
THR C      O      doub N N 262 
THR C      OXT    sing N N 263 
THR CB     OG1    sing N N 264 
THR CB     CG2    sing N N 265 
THR CB     HB     sing N N 266 
THR OG1    HG1    sing N N 267 
THR CG2    HG21   sing N N 268 
THR CG2    HG22   sing N N 269 
THR CG2    HG23   sing N N 270 
THR OXT    HXT    sing N N 271 
# 
loop_
_ndb_struct_conf_na.entry_id 
_ndb_struct_conf_na.feature 
1DSD 'double helix'         
1DSD 'b-form double helix'  
1DSD 'mismatched base pair' 
# 
loop_
_ndb_struct_na_base_pair.model_number 
_ndb_struct_na_base_pair.i_label_asym_id 
_ndb_struct_na_base_pair.i_label_comp_id 
_ndb_struct_na_base_pair.i_label_seq_id 
_ndb_struct_na_base_pair.i_symmetry 
_ndb_struct_na_base_pair.j_label_asym_id 
_ndb_struct_na_base_pair.j_label_comp_id 
_ndb_struct_na_base_pair.j_label_seq_id 
_ndb_struct_na_base_pair.j_symmetry 
_ndb_struct_na_base_pair.shear 
_ndb_struct_na_base_pair.stretch 
_ndb_struct_na_base_pair.stagger 
_ndb_struct_na_base_pair.buckle 
_ndb_struct_na_base_pair.propeller 
_ndb_struct_na_base_pair.opening 
_ndb_struct_na_base_pair.pair_number 
_ndb_struct_na_base_pair.pair_name 
_ndb_struct_na_base_pair.i_auth_asym_id 
_ndb_struct_na_base_pair.i_auth_seq_id 
_ndb_struct_na_base_pair.i_PDB_ins_code 
_ndb_struct_na_base_pair.j_auth_asym_id 
_ndb_struct_na_base_pair.j_auth_seq_id 
_ndb_struct_na_base_pair.j_PDB_ins_code 
_ndb_struct_na_base_pair.hbond_type_28 
_ndb_struct_na_base_pair.hbond_type_12 
1 A DG 1 1_555 B DC 8 1_555 -0.525 -0.027 -0.711 -22.382 -10.190 6.012  1 A_DG1:DC16_B A 1 ? B 16 ? 19 1 
1 A DA 2 1_555 B DT 7 1_555 -0.115 -0.418 0.713  -18.396 -0.996  4.220  2 A_DA2:DT15_B A 2 ? B 15 ? 20 1 
1 A DT 3 1_555 B DT 6 1_555 2.898  -1.794 0.218  1.282   7.648   17.186 3 A_DT3:DT14_B A 3 ? B 14 ? 16 1 
1 A DG 4 1_555 B DC 5 1_555 -0.779 -0.395 1.165  26.464  11.325  3.490  4 A_DG4:DC13_B A 4 ? B 13 ? 19 1 
1 A DC 5 1_555 B DG 4 1_555 1.091  0.083  0.672  -20.821 8.737   13.776 5 A_DC5:DG12_B A 5 ? B 12 ? ?  1 
1 A DT 6 1_555 B DT 3 1_555 -2.510 -1.913 0.723  -1.183  -4.780  12.266 6 A_DT6:DT11_B A 6 ? B 11 ? 16 1 
1 A DT 7 1_555 B DA 2 1_555 0.162  -0.333 0.705  17.643  -0.659  4.249  7 A_DT7:DA10_B A 7 ? B 10 ? 20 1 
1 A DC 8 1_555 B DG 1 1_555 0.639  -0.003 -0.752 22.486  -9.685  5.963  8 A_DC8:DG9_B  A 8 ? B 9  ? 19 1 
# 
loop_
_ndb_struct_na_base_pair_step.model_number 
_ndb_struct_na_base_pair_step.i_label_asym_id_1 
_ndb_struct_na_base_pair_step.i_label_comp_id_1 
_ndb_struct_na_base_pair_step.i_label_seq_id_1 
_ndb_struct_na_base_pair_step.i_symmetry_1 
_ndb_struct_na_base_pair_step.j_label_asym_id_1 
_ndb_struct_na_base_pair_step.j_label_comp_id_1 
_ndb_struct_na_base_pair_step.j_label_seq_id_1 
_ndb_struct_na_base_pair_step.j_symmetry_1 
_ndb_struct_na_base_pair_step.i_label_asym_id_2 
_ndb_struct_na_base_pair_step.i_label_comp_id_2 
_ndb_struct_na_base_pair_step.i_label_seq_id_2 
_ndb_struct_na_base_pair_step.i_symmetry_2 
_ndb_struct_na_base_pair_step.j_label_asym_id_2 
_ndb_struct_na_base_pair_step.j_label_comp_id_2 
_ndb_struct_na_base_pair_step.j_label_seq_id_2 
_ndb_struct_na_base_pair_step.j_symmetry_2 
_ndb_struct_na_base_pair_step.shift 
_ndb_struct_na_base_pair_step.slide 
_ndb_struct_na_base_pair_step.rise 
_ndb_struct_na_base_pair_step.tilt 
_ndb_struct_na_base_pair_step.roll 
_ndb_struct_na_base_pair_step.twist 
_ndb_struct_na_base_pair_step.x_displacement 
_ndb_struct_na_base_pair_step.y_displacement 
_ndb_struct_na_base_pair_step.helical_rise 
_ndb_struct_na_base_pair_step.inclination 
_ndb_struct_na_base_pair_step.tip 
_ndb_struct_na_base_pair_step.helical_twist 
_ndb_struct_na_base_pair_step.step_number 
_ndb_struct_na_base_pair_step.step_name 
_ndb_struct_na_base_pair_step.i_auth_asym_id_1 
_ndb_struct_na_base_pair_step.i_auth_seq_id_1 
_ndb_struct_na_base_pair_step.i_PDB_ins_code_1 
_ndb_struct_na_base_pair_step.j_auth_asym_id_1 
_ndb_struct_na_base_pair_step.j_auth_seq_id_1 
_ndb_struct_na_base_pair_step.j_PDB_ins_code_1 
_ndb_struct_na_base_pair_step.i_auth_asym_id_2 
_ndb_struct_na_base_pair_step.i_auth_seq_id_2 
_ndb_struct_na_base_pair_step.i_PDB_ins_code_2 
_ndb_struct_na_base_pair_step.j_auth_asym_id_2 
_ndb_struct_na_base_pair_step.j_auth_seq_id_2 
_ndb_struct_na_base_pair_step.j_PDB_ins_code_2 
1 A DG 1 1_555 B DC 8 1_555 A DA 2 1_555 B DT 7 1_555 -0.819 -0.596 3.204 -10.714 -6.005  41.102 -0.201 0.025  3.357 -8.332  
14.865  42.822 1 AA_DG1DA2:DT15DC16_BB A 1 ? B 16 ? A 2 ? B 15 ? 
1 A DA 2 1_555 B DT 7 1_555 A DT 3 1_555 B DT 6 1_555 1.215  0.932  2.783 -0.569  3.286   36.731 1.090  -1.987 2.835 5.201   0.900 
36.876 2 AA_DA2DT3:DT14DT15_BB A 2 ? B 15 ? A 3 ? B 14 ? 
1 A DT 3 1_555 B DT 6 1_555 A DG 4 1_555 B DC 5 1_555 -0.900 0.826  2.937 -1.568  1.013   13.837 2.504  2.314  3.071 4.178   6.470 
13.961 3 AA_DT3DG4:DC13DT14_BB A 3 ? B 14 ? A 4 ? B 13 ? 
1 A DC 5 1_555 B DG 4 1_555 A DT 6 1_555 B DT 3 1_555 -0.782 0.113  2.836 -7.003  8.115   8.614  -7.218 -3.368 2.244 38.856  
33.532  13.744 4 AA_DC5DT6:DT11DG12_BB A 5 ? B 12 ? A 6 ? B 11 ? 
1 A DT 6 1_555 B DT 3 1_555 A DT 7 1_555 B DA 2 1_555 -0.328 0.552  3.304 2.494   -10.110 44.979 1.564  0.631  3.096 -13.010 
-3.209  46.107 5 AA_DT6DT7:DA10DT11_BB A 6 ? B 11 ? A 7 ? B 10 ? 
1 A DT 7 1_555 B DA 2 1_555 A DC 8 1_555 B DG 1 1_555 0.812  -0.596 3.192 10.690  -6.192  41.080 -0.185 -0.022 3.345 -8.593  
-14.834 42.821 6 AA_DT7DC8:DG9DA10_BB  A 7 ? B 10 ? A 8 ? B 9  ? 
# 
_pdbx_nmr_spectrometer.spectrometer_id   1 
_pdbx_nmr_spectrometer.model             'VXR 500' 
_pdbx_nmr_spectrometer.manufacturer      Varian 
_pdbx_nmr_spectrometer.field_strength    500 
# 
_atom_sites.entry_id                    1DSD 
_atom_sites.fract_transf_matrix[1][1]   1.000000 
_atom_sites.fract_transf_matrix[1][2]   0.000000 
_atom_sites.fract_transf_matrix[1][3]   0.000000 
_atom_sites.fract_transf_matrix[2][1]   0.000000 
_atom_sites.fract_transf_matrix[2][2]   1.000000 
_atom_sites.fract_transf_matrix[2][3]   0.000000 
_atom_sites.fract_transf_matrix[3][1]   0.000000 
_atom_sites.fract_transf_matrix[3][2]   0.000000 
_atom_sites.fract_transf_matrix[3][3]   1.000000 
_atom_sites.fract_transf_vector[1]      0.00000 
_atom_sites.fract_transf_vector[2]      0.00000 
_atom_sites.fract_transf_vector[3]      0.00000 
# 
loop_
_atom_type.symbol 
C 
H 
N 
O 
P 
# 
loop_
_atom_site.group_PDB 
_atom_site.id 
_atom_site.type_symbol 
_atom_site.label_atom_id 
_atom_site.label_alt_id 
_atom_site.label_comp_id 
_atom_site.label_asym_id 
_atom_site.label_entity_id 
_atom_site.label_seq_id 
_atom_site.pdbx_PDB_ins_code 
_atom_site.Cartn_x 
_atom_site.Cartn_y 
_atom_site.Cartn_z 
_atom_site.occupancy 
_atom_site.B_iso_or_equiv 
_atom_site.pdbx_formal_charge 
_atom_site.auth_seq_id 
_atom_site.auth_comp_id 
_atom_site.auth_asym_id 
_atom_site.auth_atom_id 
_atom_site.pdbx_PDB_model_num 
ATOM   1   O "O5'"  . DG  A 1 1  ? 19.687  -0.457  4.401   1.00 0.00 ? 1  DG  A "O5'"  1 
ATOM   2   C "C5'"  . DG  A 1 1  ? 20.533  -1.475  3.851   1.00 0.00 ? 1  DG  A "C5'"  1 
ATOM   3   C "C4'"  . DG  A 1 1  ? 19.735  -2.655  3.219   1.00 0.00 ? 1  DG  A "C4'"  1 
ATOM   4   O "O4'"  . DG  A 1 1  ? 18.920  -3.249  4.251   1.00 0.00 ? 1  DG  A "O4'"  1 
ATOM   5   C "C3'"  . DG  A 1 1  ? 18.784  -2.196  2.085   1.00 0.00 ? 1  DG  A "C3'"  1 
ATOM   6   O "O3'"  . DG  A 1 1  ? 18.655  -3.192  1.053   1.00 0.00 ? 1  DG  A "O3'"  1 
ATOM   7   C "C2'"  . DG  A 1 1  ? 17.525  -2.000  2.903   1.00 0.00 ? 1  DG  A "C2'"  1 
ATOM   8   C "C1'"  . DG  A 1 1  ? 17.539  -3.169  3.869   1.00 0.00 ? 1  DG  A "C1'"  1 
ATOM   9   N N9     . DG  A 1 1  ? 16.658  -2.930  5.018   1.00 0.00 ? 1  DG  A N9     1 
ATOM   10  C C8     . DG  A 1 1  ? 16.854  -2.053  6.028   1.00 0.00 ? 1  DG  A C8     1 
ATOM   11  N N7     . DG  A 1 1  ? 15.927  -2.062  6.947   1.00 0.00 ? 1  DG  A N7     1 
ATOM   12  C C5     . DG  A 1 1  ? 15.027  -3.025  6.486   1.00 0.00 ? 1  DG  A C5     1 
ATOM   13  C C6     . DG  A 1 1  ? 13.809  -3.500  7.057   1.00 0.00 ? 1  DG  A C6     1 
ATOM   14  O O6     . DG  A 1 1  ? 13.265  -3.164  8.109   1.00 0.00 ? 1  DG  A O6     1 
ATOM   15  N N1     . DG  A 1 1  ? 13.219  -4.473  6.257   1.00 0.00 ? 1  DG  A N1     1 
ATOM   16  C C2     . DG  A 1 1  ? 13.724  -4.923  5.053   1.00 0.00 ? 1  DG  A C2     1 
ATOM   17  N N2     . DG  A 1 1  ? 12.999  -5.809  4.378   1.00 0.00 ? 1  DG  A N2     1 
ATOM   18  N N3     . DG  A 1 1  ? 14.874  -4.503  4.534   1.00 0.00 ? 1  DG  A N3     1 
ATOM   19  C C4     . DG  A 1 1  ? 15.466  -3.553  5.297   1.00 0.00 ? 1  DG  A C4     1 
ATOM   20  H "H5'"  . DG  A 1 1  ? 21.133  -1.834  4.689   1.00 0.00 ? 1  DG  A "H5'"  1 
ATOM   21  H "H5''" . DG  A 1 1  ? 21.174  -0.968  3.129   1.00 0.00 ? 1  DG  A "H5''" 1 
ATOM   22  H "H4'"  . DG  A 1 1  ? 20.337  -3.499  2.843   1.00 0.00 ? 1  DG  A "H4'"  1 
ATOM   23  H "H3'"  . DG  A 1 1  ? 19.083  -1.278  1.558   1.00 0.00 ? 1  DG  A "H3'"  1 
ATOM   24  H "H2'"  . DG  A 1 1  ? 17.623  -1.064  3.465   1.00 0.00 ? 1  DG  A "H2'"  1 
ATOM   25  H "H2''" . DG  A 1 1  ? 16.619  -1.984  2.308   1.00 0.00 ? 1  DG  A "H2''" 1 
ATOM   26  H "H1'"  . DG  A 1 1  ? 17.231  -4.103  3.421   1.00 0.00 ? 1  DG  A "H1'"  1 
ATOM   27  H H8     . DG  A 1 1  ? 17.743  -1.431  5.979   1.00 0.00 ? 1  DG  A H8     1 
ATOM   28  H H1     . DG  A 1 1  ? 12.355  -4.875  6.596   1.00 0.00 ? 1  DG  A H1     1 
ATOM   29  H H21    . DG  A 1 1  ? 12.127  -6.151  4.764   1.00 0.00 ? 1  DG  A H21    1 
ATOM   30  H H22    . DG  A 1 1  ? 13.304  -6.079  3.454   1.00 0.00 ? 1  DG  A H22    1 
ATOM   31  H "HO5'" . DG  A 1 1  ? 20.259  0.229   4.757   1.00 0.00 ? 1  DG  A "HO5'" 1 
ATOM   32  P P      . DA  A 1 2  ? 17.633  -2.978  -0.184  1.00 0.00 ? 2  DA  A P      1 
ATOM   33  O OP1    . DA  A 1 2  ? 18.170  -3.657  -1.383  1.00 0.00 ? 2  DA  A OP1    1 
ATOM   34  O OP2    . DA  A 1 2  ? 17.287  -1.536  -0.247  1.00 0.00 ? 2  DA  A OP2    1 
ATOM   35  O "O5'"  . DA  A 1 2  ? 16.318  -3.802  0.292   1.00 0.00 ? 2  DA  A "O5'"  1 
ATOM   36  C "C5'"  . DA  A 1 2  ? 16.273  -5.234  0.152   1.00 0.00 ? 2  DA  A "C5'"  1 
ATOM   37  C "C4'"  . DA  A 1 2  ? 14.862  -5.802  0.067   1.00 0.00 ? 2  DA  A "C4'"  1 
ATOM   38  O "O4'"  . DA  A 1 2  ? 14.063  -5.604  1.254   1.00 0.00 ? 2  DA  A "O4'"  1 
ATOM   39  C "C3'"  . DA  A 1 2  ? 14.115  -5.283  -1.138  1.00 0.00 ? 2  DA  A "C3'"  1 
ATOM   40  O "O3'"  . DA  A 1 2  ? 13.543  -6.365  -1.883  1.00 0.00 ? 2  DA  A "O3'"  1 
ATOM   41  C "C2'"  . DA  A 1 2  ? 13.165  -4.337  -0.457  1.00 0.00 ? 2  DA  A "C2'"  1 
ATOM   42  C "C1'"  . DA  A 1 2  ? 12.845  -4.935  0.896   1.00 0.00 ? 2  DA  A "C1'"  1 
ATOM   43  N N9     . DA  A 1 2  ? 12.563  -3.928  1.931   1.00 0.00 ? 2  DA  A N9     1 
ATOM   44  C C8     . DA  A 1 2  ? 13.400  -2.943  2.323   1.00 0.00 ? 2  DA  A C8     1 
ATOM   45  N N7     . DA  A 1 2  ? 12.973  -2.202  3.299   1.00 0.00 ? 2  DA  A N7     1 
ATOM   46  C C5     . DA  A 1 2  ? 11.728  -2.745  3.573   1.00 0.00 ? 2  DA  A C5     1 
ATOM   47  C C6     . DA  A 1 2  ? 10.766  -2.425  4.523   1.00 0.00 ? 2  DA  A C6     1 
ATOM   48  N N6     . DA  A 1 2  ? 10.927  -1.461  5.428   1.00 0.00 ? 2  DA  A N6     1 
ATOM   49  N N1     . DA  A 1 2  ? 9.636   -3.136  4.512   1.00 0.00 ? 2  DA  A N1     1 
ATOM   50  C C2     . DA  A 1 2  ? 9.466   -4.128  3.647   1.00 0.00 ? 2  DA  A C2     1 
ATOM   51  N N3     . DA  A 1 2  ? 10.318  -4.541  2.711   1.00 0.00 ? 2  DA  A N3     1 
ATOM   52  C C4     . DA  A 1 2  ? 11.447  -3.787  2.728   1.00 0.00 ? 2  DA  A C4     1 
ATOM   53  H "H5'"  . DA  A 1 2  ? 16.754  -5.740  0.973   1.00 0.00 ? 2  DA  A "H5'"  1 
ATOM   54  H "H5''" . DA  A 1 2  ? 16.826  -5.501  -0.741  1.00 0.00 ? 2  DA  A "H5''" 1 
ATOM   55  H "H4'"  . DA  A 1 2  ? 14.897  -6.866  -0.081  1.00 0.00 ? 2  DA  A "H4'"  1 
ATOM   56  H "H3'"  . DA  A 1 2  ? 14.762  -4.759  -1.841  1.00 0.00 ? 2  DA  A "H3'"  1 
ATOM   57  H "H2'"  . DA  A 1 2  ? 13.725  -3.421  -0.313  1.00 0.00 ? 2  DA  A "H2'"  1 
ATOM   58  H "H2''" . DA  A 1 2  ? 12.245  -4.178  -1.011  1.00 0.00 ? 2  DA  A "H2''" 1 
ATOM   59  H "H1'"  . DA  A 1 2  ? 11.992  -5.584  0.832   1.00 0.00 ? 2  DA  A "H1'"  1 
ATOM   60  H H8     . DA  A 1 2  ? 14.341  -2.856  1.806   1.00 0.00 ? 2  DA  A H8     1 
ATOM   61  H H61    . DA  A 1 2  ? 10.348  -1.458  6.257   1.00 0.00 ? 2  DA  A H61    1 
ATOM   62  H H62    . DA  A 1 2  ? 11.699  -0.816  5.351   1.00 0.00 ? 2  DA  A H62    1 
ATOM   63  H H2     . DA  A 1 2  ? 8.496   -4.639  3.751   1.00 0.00 ? 2  DA  A H2     1 
ATOM   64  P P      . DT  A 1 3  ? 12.998  -6.120  -3.371  1.00 0.00 ? 3  DT  A P      1 
ATOM   65  O OP1    . DT  A 1 3  ? 12.414  -7.380  -3.882  1.00 0.00 ? 3  DT  A OP1    1 
ATOM   66  O OP2    . DT  A 1 3  ? 14.034  -5.399  -4.148  1.00 0.00 ? 3  DT  A OP2    1 
ATOM   67  O "O5'"  . DT  A 1 3  ? 11.833  -5.105  -2.970  1.00 0.00 ? 3  DT  A "O5'"  1 
ATOM   68  C "C5'"  . DT  A 1 3  ? 10.694  -5.625  -2.287  1.00 0.00 ? 3  DT  A "C5'"  1 
ATOM   69  C "C4'"  . DT  A 1 3  ? 9.854   -4.555  -1.691  1.00 0.00 ? 3  DT  A "C4'"  1 
ATOM   70  O "O4'"  . DT  A 1 3  ? 10.504  -3.912  -0.599  1.00 0.00 ? 3  DT  A "O4'"  1 
ATOM   71  C "C3'"  . DT  A 1 3  ? 9.593   -3.417  -2.653  1.00 0.00 ? 3  DT  A "C3'"  1 
ATOM   72  O "O3'"  . DT  A 1 3  ? 8.974   -3.596  -3.961  1.00 0.00 ? 3  DT  A "O3'"  1 
ATOM   73  C "C2'"  . DT  A 1 3  ? 9.132   -2.325  -1.639  1.00 0.00 ? 3  DT  A "C2'"  1 
ATOM   74  C "C1'"  . DT  A 1 3  ? 9.672   -2.790  -0.294  1.00 0.00 ? 3  DT  A "C1'"  1 
ATOM   75  N N1     . DT  A 1 3  ? 10.409  -1.705  0.351   1.00 0.00 ? 3  DT  A N1     1 
ATOM   76  C C2     . DT  A 1 3  ? 9.931   -1.127  1.516   1.00 0.00 ? 3  DT  A C2     1 
ATOM   77  O O2     . DT  A 1 3  ? 8.855   -1.423  2.036   1.00 0.00 ? 3  DT  A O2     1 
ATOM   78  N N3     . DT  A 1 3  ? 10.754  -0.171  2.079   1.00 0.00 ? 3  DT  A N3     1 
ATOM   79  C C4     . DT  A 1 3  ? 12.005  0.217   1.608   1.00 0.00 ? 3  DT  A C4     1 
ATOM   80  O O4     . DT  A 1 3  ? 12.656  1.069   2.209   1.00 0.00 ? 3  DT  A O4     1 
ATOM   81  C C5     . DT  A 1 3  ? 12.405  -0.468  0.391   1.00 0.00 ? 3  DT  A C5     1 
ATOM   82  C C7     . DT  A 1 3  ? 13.794  -0.288  -0.220  1.00 0.00 ? 3  DT  A C7     1 
ATOM   83  C C6     . DT  A 1 3  ? 11.564  -1.312  -0.215  1.00 0.00 ? 3  DT  A C6     1 
ATOM   84  H "H5'"  . DT  A 1 3  ? 10.945  -6.349  -1.526  1.00 0.00 ? 3  DT  A "H5'"  1 
ATOM   85  H "H5''" . DT  A 1 3  ? 10.077  -6.097  -3.028  1.00 0.00 ? 3  DT  A "H5''" 1 
ATOM   86  H "H4'"  . DT  A 1 3  ? 8.958   -5.019  -1.336  1.00 0.00 ? 3  DT  A "H4'"  1 
ATOM   87  H "H3'"  . DT  A 1 3  ? 10.586  -3.197  -2.967  1.00 0.00 ? 3  DT  A "H3'"  1 
ATOM   88  H "H2'"  . DT  A 1 3  ? 9.471   -1.311  -1.929  1.00 0.00 ? 3  DT  A "H2'"  1 
ATOM   89  H "H2''" . DT  A 1 3  ? 8.099   -2.227  -1.333  1.00 0.00 ? 3  DT  A "H2''" 1 
ATOM   90  H "H1'"  . DT  A 1 3  ? 8.913   -3.171  0.381   1.00 0.00 ? 3  DT  A "H1'"  1 
ATOM   91  H H3     . DT  A 1 3  ? 10.380  0.262   2.912   1.00 0.00 ? 3  DT  A H3     1 
ATOM   92  H H71    . DT  A 1 3  ? 14.384  0.411   0.366   1.00 0.00 ? 3  DT  A H71    1 
ATOM   93  H H72    . DT  A 1 3  ? 14.294  -1.259  -0.229  1.00 0.00 ? 3  DT  A H72    1 
ATOM   94  H H73    . DT  A 1 3  ? 13.698  0.052   -1.251  1.00 0.00 ? 3  DT  A H73    1 
ATOM   95  H H6     . DT  A 1 3  ? 11.737  -1.714  -1.191  1.00 0.00 ? 3  DT  A H6     1 
ATOM   96  P P      . DG  A 1 4  ? 8.806   -4.950  -4.904  1.00 0.00 ? 4  DG  A P      1 
ATOM   97  O OP1    . DG  A 1 4  ? 10.008  -5.799  -4.863  1.00 0.00 ? 4  DG  A OP1    1 
ATOM   98  O OP2    . DG  A 1 4  ? 8.274   -4.541  -6.222  1.00 0.00 ? 4  DG  A OP2    1 
ATOM   99  O "O5'"  . DG  A 1 4  ? 7.619   -5.687  -4.079  1.00 0.00 ? 4  DG  A "O5'"  1 
ATOM   100 C "C5'"  . DG  A 1 4  ? 6.803   -4.832  -3.265  1.00 0.00 ? 4  DG  A "C5'"  1 
ATOM   101 C "C4'"  . DG  A 1 4  ? 5.543   -4.286  -3.938  1.00 0.00 ? 4  DG  A "C4'"  1 
ATOM   102 O "O4'"  . DG  A 1 4  ? 5.013   -3.288  -3.070  1.00 0.00 ? 4  DG  A "O4'"  1 
ATOM   103 C "C3'"  . DG  A 1 4  ? 5.858   -3.623  -5.253  1.00 0.00 ? 4  DG  A "C3'"  1 
ATOM   104 O "O3'"  . DG  A 1 4  ? 5.420   -4.514  -6.273  1.00 0.00 ? 4  DG  A "O3'"  1 
ATOM   105 C "C2'"  . DG  A 1 4  ? 5.249   -2.242  -5.156  1.00 0.00 ? 4  DG  A "C2'"  1 
ATOM   106 C "C1'"  . DG  A 1 4  ? 5.074   -1.988  -3.653  1.00 0.00 ? 4  DG  A "C1'"  1 
ATOM   107 N N9     . DG  A 1 4  ? 6.120   -1.132  -3.030  1.00 0.00 ? 4  DG  A N9     1 
ATOM   108 C C8     . DG  A 1 4  ? 7.322   -0.750  -3.548  1.00 0.00 ? 4  DG  A C8     1 
ATOM   109 N N7     . DG  A 1 4  ? 8.043   0.012   -2.778  1.00 0.00 ? 4  DG  A N7     1 
ATOM   110 C C5     . DG  A 1 4  ? 7.273   0.120   -1.629  1.00 0.00 ? 4  DG  A C5     1 
ATOM   111 C C6     . DG  A 1 4  ? 7.574   0.762   -0.402  1.00 0.00 ? 4  DG  A C6     1 
ATOM   112 O O6     . DG  A 1 4  ? 8.611   1.330   -0.058  1.00 0.00 ? 4  DG  A O6     1 
ATOM   113 N N1     . DG  A 1 4  ? 6.521   0.671   0.473   1.00 0.00 ? 4  DG  A N1     1 
ATOM   114 C C2     . DG  A 1 4  ? 5.335   0.026   0.218   1.00 0.00 ? 4  DG  A C2     1 
ATOM   115 N N2     . DG  A 1 4  ? 4.401   0.090   1.152   1.00 0.00 ? 4  DG  A N2     1 
ATOM   116 N N3     . DG  A 1 4  ? 5.071   -0.650  -0.895  1.00 0.00 ? 4  DG  A N3     1 
ATOM   117 C C4     . DG  A 1 4  ? 6.084   -0.553  -1.782  1.00 0.00 ? 4  DG  A C4     1 
ATOM   118 H "H5'"  . DG  A 1 4  ? 7.416   -3.955  -3.168  1.00 0.00 ? 4  DG  A "H5'"  1 
ATOM   119 H "H5''" . DG  A 1 4  ? 6.731   -5.132  -2.225  1.00 0.00 ? 4  DG  A "H5''" 1 
ATOM   120 H "H4'"  . DG  A 1 4  ? 4.792   -5.034  -4.195  1.00 0.00 ? 4  DG  A "H4'"  1 
ATOM   121 H "H3'"  . DG  A 1 4  ? 6.914   -3.514  -5.365  1.00 0.00 ? 4  DG  A "H3'"  1 
ATOM   122 H "H2'"  . DG  A 1 4  ? 5.809   -1.450  -5.677  1.00 0.00 ? 4  DG  A "H2'"  1 
ATOM   123 H "H2''" . DG  A 1 4  ? 4.290   -2.285  -5.660  1.00 0.00 ? 4  DG  A "H2''" 1 
ATOM   124 H "H1'"  . DG  A 1 4  ? 4.078   -1.582  -3.444  1.00 0.00 ? 4  DG  A "H1'"  1 
ATOM   125 H H8     . DG  A 1 4  ? 7.632   -1.073  -4.528  1.00 0.00 ? 4  DG  A H8     1 
ATOM   126 H H1     . DG  A 1 4  ? 6.671   1.115   1.366   1.00 0.00 ? 4  DG  A H1     1 
ATOM   127 H H21    . DG  A 1 4  ? 4.630   0.492   2.052   1.00 0.00 ? 4  DG  A H21    1 
ATOM   128 H H22    . DG  A 1 4  ? 3.520   -0.390  0.988   1.00 0.00 ? 4  DG  A H22    1 
ATOM   129 P P      . DC  A 1 5  ? 4.754   -4.052  -7.640  1.00 0.00 ? 5  DC  A P      1 
ATOM   130 O OP1    . DC  A 1 5  ? 4.626   -5.222  -8.537  1.00 0.00 ? 5  DC  A OP1    1 
ATOM   131 O OP2    . DC  A 1 5  ? 5.401   -2.804  -8.114  1.00 0.00 ? 5  DC  A OP2    1 
ATOM   132 O "O5'"  . DC  A 1 5  ? 3.309   -3.662  -7.043  1.00 0.00 ? 5  DC  A "O5'"  1 
ATOM   133 C "C5'"  . DC  A 1 5  ? 2.366   -3.085  -7.935  1.00 0.00 ? 5  DC  A "C5'"  1 
ATOM   134 C "C4'"  . DC  A 1 5  ? 1.146   -2.489  -7.271  1.00 0.00 ? 5  DC  A "C4'"  1 
ATOM   135 O "O4'"  . DC  A 1 5  ? 1.468   -1.378  -6.402  1.00 0.00 ? 5  DC  A "O4'"  1 
ATOM   136 C "C3'"  . DC  A 1 5  ? 0.179   -1.997  -8.303  1.00 0.00 ? 5  DC  A "C3'"  1 
ATOM   137 O "O3'"  . DC  A 1 5  ? -1.090  -2.571  -7.977  1.00 0.00 ? 5  DC  A "O3'"  1 
ATOM   138 C "C2'"  . DC  A 1 5  ? 0.199   -0.513  -8.204  1.00 0.00 ? 5  DC  A "C2'"  1 
ATOM   139 C "C1'"  . DC  A 1 5  ? 1.105   -0.157  -7.073  1.00 0.00 ? 5  DC  A "C1'"  1 
ATOM   140 N N1     . DC  A 1 5  ? 2.077   0.927   -7.309  1.00 0.00 ? 5  DC  A N1     1 
ATOM   141 C C2     . DC  A 1 5  ? 2.033   2.065   -6.513  1.00 0.00 ? 5  DC  A C2     1 
ATOM   142 O O2     . DC  A 1 5  ? 1.070   2.256   -5.782  1.00 0.00 ? 5  DC  A O2     1 
ATOM   143 N N3     . DC  A 1 5  ? 3.045   2.963   -6.570  1.00 0.00 ? 5  DC  A N3     1 
ATOM   144 C C4     . DC  A 1 5  ? 4.091   2.748   -7.373  1.00 0.00 ? 5  DC  A C4     1 
ATOM   145 N N4     . DC  A 1 5  ? 5.090   3.629   -7.346  1.00 0.00 ? 5  DC  A N4     1 
ATOM   146 C C5     . DC  A 1 5  ? 4.117   1.594   -8.230  1.00 0.00 ? 5  DC  A C5     1 
ATOM   147 C C6     . DC  A 1 5  ? 3.002   0.798   -8.248  1.00 0.00 ? 5  DC  A C6     1 
ATOM   148 H "H5'"  . DC  A 1 5  ? 2.123   -3.804  -8.728  1.00 0.00 ? 5  DC  A "H5'"  1 
ATOM   149 H "H5''" . DC  A 1 5  ? 2.825   -2.199  -8.331  1.00 0.00 ? 5  DC  A "H5''" 1 
ATOM   150 H "H4'"  . DC  A 1 5  ? 0.539   -3.231  -6.775  1.00 0.00 ? 5  DC  A "H4'"  1 
ATOM   151 H "H3'"  . DC  A 1 5  ? 0.454   -2.314  -9.291  1.00 0.00 ? 5  DC  A "H3'"  1 
ATOM   152 H "H2'"  . DC  A 1 5  ? 0.505   0.032   -9.078  1.00 0.00 ? 5  DC  A "H2'"  1 
ATOM   153 H "H2''" . DC  A 1 5  ? -0.833  -0.332  -7.982  1.00 0.00 ? 5  DC  A "H2''" 1 
ATOM   154 H "H1'"  . DC  A 1 5  ? 0.544   0.382   -6.369  1.00 0.00 ? 5  DC  A "H1'"  1 
ATOM   155 H H41    . DC  A 1 5  ? 5.011   4.416   -6.718  1.00 0.00 ? 5  DC  A H41    1 
ATOM   156 H H42    . DC  A 1 5  ? 5.907   3.506   -7.928  1.00 0.00 ? 5  DC  A H42    1 
ATOM   157 H H5     . DC  A 1 5  ? 4.914   1.259   -8.830  1.00 0.00 ? 5  DC  A H5     1 
ATOM   158 H H6     . DC  A 1 5  ? 2.790   0.093   -9.005  1.00 0.00 ? 5  DC  A H6     1 
ATOM   159 P P      . DT  A 1 6  ? -2.271  -2.689  -9.068  1.00 0.00 ? 6  DT  A P      1 
ATOM   160 O OP1    . DT  A 1 6  ? -3.086  -3.881  -8.742  1.00 0.00 ? 6  DT  A OP1    1 
ATOM   161 O OP2    . DT  A 1 6  ? -1.680  -2.560  -10.419 1.00 0.00 ? 6  DT  A OP2    1 
ATOM   162 O "O5'"  . DT  A 1 6  ? -3.130  -1.369  -8.793  1.00 0.00 ? 6  DT  A "O5'"  1 
ATOM   163 C "C5'"  . DT  A 1 6  ? -4.014  -1.289  -7.675  1.00 0.00 ? 6  DT  A "C5'"  1 
ATOM   164 C "C4'"  . DT  A 1 6  ? -4.157  0.159   -7.191  1.00 0.00 ? 6  DT  A "C4'"  1 
ATOM   165 O "O4'"  . DT  A 1 6  ? -2.889  0.815   -7.059  1.00 0.00 ? 6  DT  A "O4'"  1 
ATOM   166 C "C3'"  . DT  A 1 6  ? -4.712  0.981   -8.323  1.00 0.00 ? 6  DT  A "C3'"  1 
ATOM   167 O "O3'"  . DT  A 1 6  ? -6.132  0.826   -8.343  1.00 0.00 ? 6  DT  A "O3'"  1 
ATOM   168 C "C2'"  . DT  A 1 6  ? -4.129  2.379   -8.120  1.00 0.00 ? 6  DT  A "C2'"  1 
ATOM   169 C "C1'"  . DT  A 1 6  ? -3.174  2.221   -6.989  1.00 0.00 ? 6  DT  A "C1'"  1 
ATOM   170 N N1     . DT  A 1 6  ? -2.004  3.094   -7.227  1.00 0.00 ? 6  DT  A N1     1 
ATOM   171 C C2     . DT  A 1 6  ? -1.842  4.256   -6.495  1.00 0.00 ? 6  DT  A C2     1 
ATOM   172 O O2     . DT  A 1 6  ? -2.714  4.727   -5.768  1.00 0.00 ? 6  DT  A O2     1 
ATOM   173 N N3     . DT  A 1 6  ? -0.622  4.896   -6.663  1.00 0.00 ? 6  DT  A N3     1 
ATOM   174 C C4     . DT  A 1 6  ? 0.344   4.585   -7.611  1.00 0.00 ? 6  DT  A C4     1 
ATOM   175 O O4     . DT  A 1 6  ? 1.379   5.246   -7.699  1.00 0.00 ? 6  DT  A O4     1 
ATOM   176 C C5     . DT  A 1 6  ? -0.004  3.444   -8.430  1.00 0.00 ? 6  DT  A C5     1 
ATOM   177 C C7     . DT  A 1 6  ? 0.874   3.056   -9.617  1.00 0.00 ? 6  DT  A C7     1 
ATOM   178 C C6     . DT  A 1 6  ? -1.109  2.728   -8.166  1.00 0.00 ? 6  DT  A C6     1 
ATOM   179 H "H5'"  . DT  A 1 6  ? -3.685  -1.950  -6.882  1.00 0.00 ? 6  DT  A "H5'"  1 
ATOM   180 H "H5''" . DT  A 1 6  ? -4.976  -1.649  -8.037  1.00 0.00 ? 6  DT  A "H5''" 1 
ATOM   181 H "H4'"  . DT  A 1 6  ? -4.735  0.195   -6.251  1.00 0.00 ? 6  DT  A "H4'"  1 
ATOM   182 H "H3'"  . DT  A 1 6  ? -4.163  0.518   -9.139  1.00 0.00 ? 6  DT  A "H3'"  1 
ATOM   183 H "H2'"  . DT  A 1 6  ? -3.546  2.662   -9.006  1.00 0.00 ? 6  DT  A "H2'"  1 
ATOM   184 H "H2''" . DT  A 1 6  ? -4.787  3.183   -7.831  1.00 0.00 ? 6  DT  A "H2''" 1 
ATOM   185 H "H1'"  . DT  A 1 6  ? -3.667  2.453   -6.058  1.00 0.00 ? 6  DT  A "H1'"  1 
ATOM   186 H H3     . DT  A 1 6  ? -0.404  5.650   -6.022  1.00 0.00 ? 6  DT  A H3     1 
ATOM   187 H H71    . DT  A 1 6  ? 1.769   3.677   -9.636  1.00 0.00 ? 6  DT  A H71    1 
ATOM   188 H H72    . DT  A 1 6  ? 1.162   2.012   -9.527  1.00 0.00 ? 6  DT  A H72    1 
ATOM   189 H H73    . DT  A 1 6  ? 0.311   3.186   -10.541 1.00 0.00 ? 6  DT  A H73    1 
ATOM   190 H H6     . DT  A 1 6  ? -1.387  1.825   -8.656  1.00 0.00 ? 6  DT  A H6     1 
ATOM   191 P P      . DT  A 1 7  ? -7.186  1.492   -9.360  1.00 0.00 ? 7  DT  A P      1 
ATOM   192 O OP1    . DT  A 1 7  ? -8.404  0.658   -9.307  1.00 0.00 ? 7  DT  A OP1    1 
ATOM   193 O OP2    . DT  A 1 7  ? -6.505  1.751   -10.650 1.00 0.00 ? 7  DT  A OP2    1 
ATOM   194 O "O5'"  . DT  A 1 7  ? -7.469  2.902   -8.643  1.00 0.00 ? 7  DT  A "O5'"  1 
ATOM   195 C "C5'"  . DT  A 1 7  ? -7.768  2.890   -7.243  1.00 0.00 ? 7  DT  A "C5'"  1 
ATOM   196 C "C4'"  . DT  A 1 7  ? -7.562  4.237   -6.573  1.00 0.00 ? 7  DT  A "C4'"  1 
ATOM   197 O "O4'"  . DT  A 1 7  ? -6.191  4.602   -6.773  1.00 0.00 ? 7  DT  A "O4'"  1 
ATOM   198 C "C3'"  . DT  A 1 7  ? -8.464  5.365   -7.064  1.00 0.00 ? 7  DT  A "C3'"  1 
ATOM   199 O "O3'"  . DT  A 1 7  ? -9.037  6.134   -6.001  1.00 0.00 ? 7  DT  A "O3'"  1 
ATOM   200 C "C2'"  . DT  A 1 7  ? -7.502  6.154   -7.910  1.00 0.00 ? 7  DT  A "C2'"  1 
ATOM   201 C "C1'"  . DT  A 1 7  ? -6.136  5.928   -7.281  1.00 0.00 ? 7  DT  A "C1'"  1 
ATOM   202 N N1     . DT  A 1 7  ? -5.012  6.011   -8.245  1.00 0.00 ? 7  DT  A N1     1 
ATOM   203 C C2     . DT  A 1 7  ? -3.967  6.873   -7.963  1.00 0.00 ? 7  DT  A C2     1 
ATOM   204 O O2     . DT  A 1 7  ? -3.984  7.668   -7.025  1.00 0.00 ? 7  DT  A O2     1 
ATOM   205 N N3     . DT  A 1 7  ? -2.887  6.807   -8.815  1.00 0.00 ? 7  DT  A N3     1 
ATOM   206 C C4     . DT  A 1 7  ? -2.784  6.044   -9.960  1.00 0.00 ? 7  DT  A C4     1 
ATOM   207 O O4     . DT  A 1 7  ? -1.761  6.083   -10.642 1.00 0.00 ? 7  DT  A O4     1 
ATOM   208 C C5     . DT  A 1 7  ? -3.960  5.241   -10.229 1.00 0.00 ? 7  DT  A C5     1 
ATOM   209 C C7     . DT  A 1 7  ? -4.022  4.397   -11.501 1.00 0.00 ? 7  DT  A C7     1 
ATOM   210 C C6     . DT  A 1 7  ? -5.001  5.232   -9.370  1.00 0.00 ? 7  DT  A C6     1 
ATOM   211 H "H5'"  . DT  A 1 7  ? -7.082  2.200   -6.761  1.00 0.00 ? 7  DT  A "H5'"  1 
ATOM   212 H "H5''" . DT  A 1 7  ? -8.768  2.507   -7.102  1.00 0.00 ? 7  DT  A "H5''" 1 
ATOM   213 H "H4'"  . DT  A 1 7  ? -7.734  4.183   -5.508  1.00 0.00 ? 7  DT  A "H4'"  1 
ATOM   214 H "H3'"  . DT  A 1 7  ? -9.312  4.957   -7.616  1.00 0.00 ? 7  DT  A "H3'"  1 
ATOM   215 H "H2'"  . DT  A 1 7  ? -7.589  5.713   -8.907  1.00 0.00 ? 7  DT  A "H2'"  1 
ATOM   216 H "H2''" . DT  A 1 7  ? -7.700  7.225   -7.882  1.00 0.00 ? 7  DT  A "H2''" 1 
ATOM   217 H "H1'"  . DT  A 1 7  ? -5.981  6.587   -6.433  1.00 0.00 ? 7  DT  A "H1'"  1 
ATOM   218 H H3     . DT  A 1 7  ? -2.093  7.373   -8.558  1.00 0.00 ? 7  DT  A H3     1 
ATOM   219 H H71    . DT  A 1 7  ? -3.094  4.512   -12.062 1.00 0.00 ? 7  DT  A H71    1 
ATOM   220 H H72    . DT  A 1 7  ? -4.150  3.348   -11.232 1.00 0.00 ? 7  DT  A H72    1 
ATOM   221 H H73    . DT  A 1 7  ? -4.860  4.724   -12.117 1.00 0.00 ? 7  DT  A H73    1 
ATOM   222 H H6     . DT  A 1 7  ? -5.858  4.603   -9.534  1.00 0.00 ? 7  DT  A H6     1 
ATOM   223 P P      . DC  A 1 8  ? -10.149 7.269   -6.320  1.00 0.00 ? 8  DC  A P      1 
ATOM   224 O OP1    . DC  A 1 8  ? -10.966 7.465   -5.101  1.00 0.00 ? 8  DC  A OP1    1 
ATOM   225 O OP2    . DC  A 1 8  ? -10.813 6.932   -7.600  1.00 0.00 ? 8  DC  A OP2    1 
ATOM   226 O "O5'"  . DC  A 1 8  ? -9.249  8.590   -6.554  1.00 0.00 ? 8  DC  A "O5'"  1 
ATOM   227 C "C5'"  . DC  A 1 8  ? -8.697  9.237   -5.404  1.00 0.00 ? 8  DC  A "C5'"  1 
ATOM   228 C "C4'"  . DC  A 1 8  ? -7.683  10.320  -5.723  1.00 0.00 ? 8  DC  A "C4'"  1 
ATOM   229 O "O4'"  . DC  A 1 8  ? -6.592  9.710   -6.405  1.00 0.00 ? 8  DC  A "O4'"  1 
ATOM   230 C "C3'"  . DC  A 1 8  ? -8.218  11.397  -6.663  1.00 0.00 ? 8  DC  A "C3'"  1 
ATOM   231 O "O3'"  . DC  A 1 8  ? -8.923  12.454  -5.999  1.00 0.00 ? 8  DC  A "O3'"  1 
ATOM   232 C "C2'"  . DC  A 1 8  ? -6.898  11.877  -7.347  1.00 0.00 ? 8  DC  A "C2'"  1 
ATOM   233 C "C1'"  . DC  A 1 8  ? -5.879  10.723  -7.126  1.00 0.00 ? 8  DC  A "C1'"  1 
ATOM   234 N N1     . DC  A 1 8  ? -5.387  10.112  -8.379  1.00 0.00 ? 8  DC  A N1     1 
ATOM   235 C C2     . DC  A 1 8  ? -4.042  10.180  -8.714  1.00 0.00 ? 8  DC  A C2     1 
ATOM   236 O O2     . DC  A 1 8  ? -3.232  10.740  -7.981  1.00 0.00 ? 8  DC  A O2     1 
ATOM   237 N N3     . DC  A 1 8  ? -3.634  9.603   -9.878  1.00 0.00 ? 8  DC  A N3     1 
ATOM   238 C C4     . DC  A 1 8  ? -4.492  8.951   -10.678 1.00 0.00 ? 8  DC  A C4     1 
ATOM   239 N N4     . DC  A 1 8  ? -4.039  8.414   -11.813 1.00 0.00 ? 8  DC  A N4     1 
ATOM   240 C C5     . DC  A 1 8  ? -5.875  8.835   -10.320 1.00 0.00 ? 8  DC  A C5     1 
ATOM   241 C C6     . DC  A 1 8  ? -6.276  9.481   -9.175  1.00 0.00 ? 8  DC  A C6     1 
ATOM   242 H "H5'"  . DC  A 1 8  ? -8.159  8.468   -4.865  1.00 0.00 ? 8  DC  A "H5'"  1 
ATOM   243 H "H5''" . DC  A 1 8  ? -9.514  9.632   -4.809  1.00 0.00 ? 8  DC  A "H5''" 1 
ATOM   244 H "H4'"  . DC  A 1 8  ? -7.345  10.767  -4.787  1.00 0.00 ? 8  DC  A "H4'"  1 
ATOM   245 H "H3'"  . DC  A 1 8  ? -8.943  10.876  -7.318  1.00 0.00 ? 8  DC  A "H3'"  1 
ATOM   246 H "HO3'" . DC  A 1 8  ? -9.654  12.051  -5.525  1.00 0.00 ? 8  DC  A "HO3'" 1 
ATOM   247 H "H2'"  . DC  A 1 8  ? -7.040  12.033  -8.428  1.00 0.00 ? 8  DC  A "H2'"  1 
ATOM   248 H "H2''" . DC  A 1 8  ? -6.499  12.822  -6.946  1.00 0.00 ? 8  DC  A "H2''" 1 
ATOM   249 H "H1'"  . DC  A 1 8  ? -5.013  11.016  -6.528  1.00 0.00 ? 8  DC  A "H1'"  1 
ATOM   250 H H41    . DC  A 1 8  ? -3.105  8.653   -12.122 1.00 0.00 ? 8  DC  A H41    1 
ATOM   251 H H42    . DC  A 1 8  ? -4.645  7.851   -12.397 1.00 0.00 ? 8  DC  A H42    1 
ATOM   252 H H5     . DC  A 1 8  ? -6.603  8.282   -10.867 1.00 0.00 ? 8  DC  A H5     1 
ATOM   253 H H6     . DC  A 1 8  ? -7.299  9.516   -8.878  1.00 0.00 ? 8  DC  A H6     1 
ATOM   254 O "O5'"  . DG  B 1 1  ? 5.582   13.411  -14.063 1.00 0.00 ? 9  DG  B "O5'"  1 
ATOM   255 C "C5'"  . DG  B 1 1  ? 5.547   14.825  -13.829 1.00 0.00 ? 9  DG  B "C5'"  1 
ATOM   256 C "C4'"  . DG  B 1 1  ? 4.739   15.213  -12.554 1.00 0.00 ? 9  DG  B "C4'"  1 
ATOM   257 O "O4'"  . DG  B 1 1  ? 3.384   14.747  -12.723 1.00 0.00 ? 9  DG  B "O4'"  1 
ATOM   258 C "C3'"  . DG  B 1 1  ? 5.297   14.556  -11.265 1.00 0.00 ? 9  DG  B "C3'"  1 
ATOM   259 O "O3'"  . DG  B 1 1  ? 5.134   15.400  -10.107 1.00 0.00 ? 9  DG  B "O3'"  1 
ATOM   260 C "C2'"  . DG  B 1 1  ? 4.426   13.316  -11.240 1.00 0.00 ? 9  DG  B "C2'"  1 
ATOM   261 C "C1'"  . DG  B 1 1  ? 3.064   13.828  -11.667 1.00 0.00 ? 9  DG  B "C1'"  1 
ATOM   262 N N9     . DG  B 1 1  ? 2.195   12.736  -12.124 1.00 0.00 ? 9  DG  B N9     1 
ATOM   263 C C8     . DG  B 1 1  ? 2.316   12.021  -13.265 1.00 0.00 ? 9  DG  B C8     1 
ATOM   264 N N7     . DG  B 1 1  ? 1.388   11.124  -13.449 1.00 0.00 ? 9  DG  B N7     1 
ATOM   265 C C5     . DG  B 1 1  ? 0.590   11.250  -12.309 1.00 0.00 ? 9  DG  B C5     1 
ATOM   266 C C6     . DG  B 1 1  ? -0.593  10.548  -11.927 1.00 0.00 ? 9  DG  B C6     1 
ATOM   267 O O6     . DG  B 1 1  ? -1.192  9.655   -12.528 1.00 0.00 ? 9  DG  B O6     1 
ATOM   268 N N1     . DG  B 1 1  ? -1.072  10.990  -10.697 1.00 0.00 ? 9  DG  B N1     1 
ATOM   269 C C2     . DG  B 1 1  ? -0.483  11.971  -9.925  1.00 0.00 ? 9  DG  B C2     1 
ATOM   270 N N2     . DG  B 1 1  ? -1.029  12.229  -8.740  1.00 0.00 ? 9  DG  B N2     1 
ATOM   271 N N3     . DG  B 1 1  ? 0.601   12.646  -10.294 1.00 0.00 ? 9  DG  B N3     1 
ATOM   272 C C4     . DG  B 1 1  ? 1.087   12.231  -11.488 1.00 0.00 ? 9  DG  B C4     1 
ATOM   273 H "H5'"  . DG  B 1 1  ? 5.076   15.252  -14.717 1.00 0.00 ? 9  DG  B "H5'"  1 
ATOM   274 H "H5''" . DG  B 1 1  ? 6.589   15.140  -13.776 1.00 0.00 ? 9  DG  B "H5''" 1 
ATOM   275 H "H4'"  . DG  B 1 1  ? 4.622   16.294  -12.367 1.00 0.00 ? 9  DG  B "H4'"  1 
ATOM   276 H "H3'"  . DG  B 1 1  ? 6.368   14.309  -11.289 1.00 0.00 ? 9  DG  B "H3'"  1 
ATOM   277 H "H2'"  . DG  B 1 1  ? 4.801   12.619  -11.998 1.00 0.00 ? 9  DG  B "H2'"  1 
ATOM   278 H "H2''" . DG  B 1 1  ? 4.389   12.832  -10.270 1.00 0.00 ? 9  DG  B "H2''" 1 
ATOM   279 H "H1'"  . DG  B 1 1  ? 2.534   14.348  -10.882 1.00 0.00 ? 9  DG  B "H1'"  1 
ATOM   280 H H8     . DG  B 1 1  ? 3.162   12.252  -13.906 1.00 0.00 ? 9  DG  B H8     1 
ATOM   281 H H1     . DG  B 1 1  ? -1.916  10.553  -10.355 1.00 0.00 ? 9  DG  B H1     1 
ATOM   282 H H21    . DG  B 1 1  ? -1.864  11.735  -8.451  1.00 0.00 ? 9  DG  B H21    1 
ATOM   283 H H22    . DG  B 1 1  ? -0.555  12.873  -8.121  1.00 0.00 ? 9  DG  B H22    1 
ATOM   284 H "HO5'" . DG  B 1 1  ? 6.104   13.265  -14.855 1.00 0.00 ? 9  DG  B "HO5'" 1 
ATOM   285 P P      . DA  B 1 2  ? 5.544   14.878  -8.626  1.00 0.00 ? 10 DA  B P      1 
ATOM   286 O OP1    . DA  B 1 2  ? 5.984   16.032  -7.809  1.00 0.00 ? 10 DA  B OP1    1 
ATOM   287 O OP2    . DA  B 1 2  ? 6.444   13.711  -8.797  1.00 0.00 ? 10 DA  B OP2    1 
ATOM   288 O "O5'"  . DA  B 1 2  ? 4.130   14.367  -8.024  1.00 0.00 ? 10 DA  B "O5'"  1 
ATOM   289 C "C5'"  . DA  B 1 2  ? 3.191   15.319  -7.489  1.00 0.00 ? 10 DA  B "C5'"  1 
ATOM   290 C "C4'"  . DA  B 1 2  ? 2.236   14.726  -6.463  1.00 0.00 ? 10 DA  B "C4'"  1 
ATOM   291 O "O4'"  . DA  B 1 2  ? 1.354   13.706  -6.984  1.00 0.00 ? 10 DA  B "O4'"  1 
ATOM   292 C "C3'"  . DA  B 1 2  ? 2.974   14.185  -5.260  1.00 0.00 ? 10 DA  B "C3'"  1 
ATOM   293 O "O3'"  . DA  B 1 2  ? 2.434   14.682  -4.035  1.00 0.00 ? 10 DA  B "O3'"  1 
ATOM   294 C "C2'"  . DA  B 1 2  ? 2.834   12.705  -5.513  1.00 0.00 ? 10 DA  B "C2'"  1 
ATOM   295 C "C1'"  . DA  B 1 2  ? 1.499   12.507  -6.207  1.00 0.00 ? 10 DA  B "C1'"  1 
ATOM   296 N N9     . DA  B 1 2  ? 1.498   11.361  -7.132  1.00 0.00 ? 10 DA  B N9     1 
ATOM   297 C C8     . DA  B 1 2  ? 2.329   11.192  -8.185  1.00 0.00 ? 10 DA  B C8     1 
ATOM   298 N N7     . DA  B 1 2  ? 2.105   10.140  -8.911  1.00 0.00 ? 10 DA  B N7     1 
ATOM   299 C C5     . DA  B 1 2  ? 1.032   9.544   -8.263  1.00 0.00 ? 10 DA  B C5     1 
ATOM   300 C C6     . DA  B 1 2  ? 0.295   8.397   -8.544  1.00 0.00 ? 10 DA  B C6     1 
ATOM   301 N N6     . DA  B 1 2  ? 0.524   7.624   -9.602  1.00 0.00 ? 10 DA  B N6     1 
ATOM   302 N N1     . DA  B 1 2  ? -0.690  8.080   -7.700  1.00 0.00 ? 10 DA  B N1     1 
ATOM   303 C C2     . DA  B 1 2  ? -0.961  8.860   -6.662  1.00 0.00 ? 10 DA  B C2     1 
ATOM   304 N N3     . DA  B 1 2  ? -0.342  9.977   -6.296  1.00 0.00 ? 10 DA  B N3     1 
ATOM   305 C C4     . DA  B 1 2  ? 0.661   10.267  -7.158  1.00 0.00 ? 10 DA  B C4     1 
ATOM   306 H "H5'"  . DA  B 1 2  ? 2.576   15.767  -8.255  1.00 0.00 ? 10 DA  B "H5'"  1 
ATOM   307 H "H5''" . DA  B 1 2  ? 3.752   16.129  -7.036  1.00 0.00 ? 10 DA  B "H5''" 1 
ATOM   308 H "H4'"  . DA  B 1 2  ? 1.588   15.489  -6.065  1.00 0.00 ? 10 DA  B "H4'"  1 
ATOM   309 H "H3'"  . DA  B 1 2  ? 4.014   14.515  -5.238  1.00 0.00 ? 10 DA  B "H3'"  1 
ATOM   310 H "H2'"  . DA  B 1 2  ? 3.638   12.465  -6.202  1.00 0.00 ? 10 DA  B "H2'"  1 
ATOM   311 H "H2''" . DA  B 1 2  ? 2.878   12.123  -4.601  1.00 0.00 ? 10 DA  B "H2''" 1 
ATOM   312 H "H1'"  . DA  B 1 2  ? 0.701   12.361  -5.501  1.00 0.00 ? 10 DA  B "H1'"  1 
ATOM   313 H H8     . DA  B 1 2  ? 3.095   11.937  -8.333  1.00 0.00 ? 10 DA  B H8     1 
ATOM   314 H H61    . DA  B 1 2  ? -0.196  6.992   -9.920  1.00 0.00 ? 10 DA  B H61    1 
ATOM   315 H H62    . DA  B 1 2  ? 1.354   7.766   -10.161 1.00 0.00 ? 10 DA  B H62    1 
ATOM   316 H H2     . DA  B 1 2  ? -1.805  8.511   -6.064  1.00 0.00 ? 10 DA  B H2     1 
ATOM   317 P P      . DT  B 1 3  ? 3.095   14.185  -2.649  1.00 0.00 ? 11 DT  B P      1 
ATOM   318 O OP1    . DT  B 1 3  ? 2.554   15.014  -1.548  1.00 0.00 ? 11 DT  B OP1    1 
ATOM   319 O OP2    . DT  B 1 3  ? 4.558   14.037  -2.816  1.00 0.00 ? 11 DT  B OP2    1 
ATOM   320 O "O5'"  . DT  B 1 3  ? 2.426   12.702  -2.535  1.00 0.00 ? 11 DT  B "O5'"  1 
ATOM   321 C "C5'"  . DT  B 1 3  ? 0.992   12.640  -2.434  1.00 0.00 ? 11 DT  B "C5'"  1 
ATOM   322 C "C4'"  . DT  B 1 3  ? 0.333   11.264  -2.434  1.00 0.00 ? 11 DT  B "C4'"  1 
ATOM   323 O "O4'"  . DT  B 1 3  ? 0.643   10.497  -3.572  1.00 0.00 ? 11 DT  B "O4'"  1 
ATOM   324 C "C3'"  . DT  B 1 3  ? 0.559   10.419  -1.203  1.00 0.00 ? 11 DT  B "C3'"  1 
ATOM   325 O "O3'"  . DT  B 1 3  ? -0.746  10.300  -0.616  1.00 0.00 ? 11 DT  B "O3'"  1 
ATOM   326 C "C2'"  . DT  B 1 3  ? 1.014   9.076   -1.732  1.00 0.00 ? 11 DT  B "C2'"  1 
ATOM   327 C "C1'"  . DT  B 1 3  ? 0.593   9.117   -3.192  1.00 0.00 ? 11 DT  B "C1'"  1 
ATOM   328 N N1     . DT  B 1 3  ? 1.612   8.548   -4.092  1.00 0.00 ? 11 DT  B N1     1 
ATOM   329 C C2     . DT  B 1 3  ? 1.352   7.427   -4.853  1.00 0.00 ? 11 DT  B C2     1 
ATOM   330 O O2     . DT  B 1 3  ? 0.318   6.767   -4.754  1.00 0.00 ? 11 DT  B O2     1 
ATOM   331 N N3     . DT  B 1 3  ? 2.346   7.082   -5.749  1.00 0.00 ? 11 DT  B N3     1 
ATOM   332 C C4     . DT  B 1 3  ? 3.584   7.690   -5.878  1.00 0.00 ? 11 DT  B C4     1 
ATOM   333 O O4     . DT  B 1 3  ? 4.414   7.237   -6.662  1.00 0.00 ? 11 DT  B O4     1 
ATOM   334 C C5     . DT  B 1 3  ? 3.767   8.844   -5.024  1.00 0.00 ? 11 DT  B C5     1 
ATOM   335 C C7     . DT  B 1 3  ? 5.049   9.674   -5.110  1.00 0.00 ? 11 DT  B C7     1 
ATOM   336 C C6     . DT  B 1 3  ? 2.803   9.204   -4.162  1.00 0.00 ? 11 DT  B C6     1 
ATOM   337 H "H5'"  . DT  B 1 3  ? 0.562   13.218  -3.245  1.00 0.00 ? 11 DT  B "H5'"  1 
ATOM   338 H "H5''" . DT  B 1 3  ? 0.729   13.086  -1.491  1.00 0.00 ? 11 DT  B "H5''" 1 
ATOM   339 H "H4'"  . DT  B 1 3  ? -0.738  11.347  -2.494  1.00 0.00 ? 11 DT  B "H4'"  1 
ATOM   340 H "H3'"  . DT  B 1 3  ? 1.329   10.905  -0.607  1.00 0.00 ? 11 DT  B "H3'"  1 
ATOM   341 H "H2'"  . DT  B 1 3  ? 2.091   8.957   -1.609  1.00 0.00 ? 11 DT  B "H2'"  1 
ATOM   342 H "H2''" . DT  B 1 3  ? 0.541   8.245   -1.211  1.00 0.00 ? 11 DT  B "H2''" 1 
ATOM   343 H "H1'"  . DT  B 1 3  ? -0.425  8.747   -3.266  1.00 0.00 ? 11 DT  B "H1'"  1 
ATOM   344 H H3     . DT  B 1 3  ? 2.135   6.325   -6.384  1.00 0.00 ? 11 DT  B H3     1 
ATOM   345 H H71    . DT  B 1 3  ? 5.729   9.225   -5.835  1.00 0.00 ? 11 DT  B H71    1 
ATOM   346 H H72    . DT  B 1 3  ? 4.802   10.686  -5.433  1.00 0.00 ? 11 DT  B H72    1 
ATOM   347 H H73    . DT  B 1 3  ? 5.528   9.715   -4.134  1.00 0.00 ? 11 DT  B H73    1 
ATOM   348 H H6     . DT  B 1 3  ? 2.866   10.027  -3.464  1.00 0.00 ? 11 DT  B H6     1 
ATOM   349 P P      . DG  B 1 4  ? -1.130  10.875  0.831   1.00 0.00 ? 12 DG  B P      1 
ATOM   350 O OP1    . DG  B 1 4  ? -2.560  10.582  1.083   1.00 0.00 ? 12 DG  B OP1    1 
ATOM   351 O OP2    . DG  B 1 4  ? -0.626  12.260  0.946   1.00 0.00 ? 12 DG  B OP2    1 
ATOM   352 O "O5'"  . DG  B 1 4  ? -0.219  9.915   1.735   1.00 0.00 ? 12 DG  B "O5'"  1 
ATOM   353 C "C5'"  . DG  B 1 4  ? -0.764  8.648   2.075   1.00 0.00 ? 12 DG  B "C5'"  1 
ATOM   354 C "C4'"  . DG  B 1 4  ? 0.178   7.479   1.987   1.00 0.00 ? 12 DG  B "C4'"  1 
ATOM   355 O "O4'"  . DG  B 1 4  ? 0.689   7.096   0.712   1.00 0.00 ? 12 DG  B "O4'"  1 
ATOM   356 C "C3'"  . DG  B 1 4  ? 1.375   7.569   2.873   1.00 0.00 ? 12 DG  B "C3'"  1 
ATOM   357 O "O3'"  . DG  B 1 4  ? 1.107   7.562   4.289   1.00 0.00 ? 12 DG  B "O3'"  1 
ATOM   358 C "C2'"  . DG  B 1 4  ? 2.193   6.380   2.356   1.00 0.00 ? 12 DG  B "C2'"  1 
ATOM   359 C "C1'"  . DG  B 1 4  ? 1.594   5.992   0.978   1.00 0.00 ? 12 DG  B "C1'"  1 
ATOM   360 N N9     . DG  B 1 4  ? 2.526   6.031   -0.180  1.00 0.00 ? 12 DG  B N9     1 
ATOM   361 C C8     . DG  B 1 4  ? 3.642   6.796   -0.352  1.00 0.00 ? 12 DG  B C8     1 
ATOM   362 N N7     . DG  B 1 4  ? 4.254   6.650   -1.490  1.00 0.00 ? 12 DG  B N7     1 
ATOM   363 C C5     . DG  B 1 4  ? 3.466   5.719   -2.150  1.00 0.00 ? 12 DG  B C5     1 
ATOM   364 C C6     . DG  B 1 4  ? 3.622   5.171   -3.449  1.00 0.00 ? 12 DG  B C6     1 
ATOM   365 O O6     . DG  B 1 4  ? 4.499   5.383   -4.283  1.00 0.00 ? 12 DG  B O6     1 
ATOM   366 N N1     . DG  B 1 4  ? 2.619   4.272   -3.736  1.00 0.00 ? 12 DG  B N1     1 
ATOM   367 C C2     . DG  B 1 4  ? 1.610   3.912   -2.866  1.00 0.00 ? 12 DG  B C2     1 
ATOM   368 N N2     . DG  B 1 4  ? 0.747   3.012   -3.301  1.00 0.00 ? 12 DG  B N2     1 
ATOM   369 N N3     . DG  B 1 4  ? 1.469   4.396   -1.633  1.00 0.00 ? 12 DG  B N3     1 
ATOM   370 C C4     . DG  B 1 4  ? 2.424   5.312   -1.349  1.00 0.00 ? 12 DG  B C4     1 
ATOM   371 H "H5'"  . DG  B 1 4  ? -1.460  8.320   1.307   1.00 0.00 ? 12 DG  B "H5'"  1 
ATOM   372 H "H5''" . DG  B 1 4  ? -1.215  8.760   3.074   1.00 0.00 ? 12 DG  B "H5''" 1 
ATOM   373 H "H4'"  . DG  B 1 4  ? -0.500  6.666   2.160   1.00 0.00 ? 12 DG  B "H4'"  1 
ATOM   374 H "H3'"  . DG  B 1 4  ? 1.790   8.523   2.555   1.00 0.00 ? 12 DG  B "H3'"  1 
ATOM   375 H "H2'"  . DG  B 1 4  ? 3.219   6.730   2.271   1.00 0.00 ? 12 DG  B "H2'"  1 
ATOM   376 H "H2''" . DG  B 1 4  ? 2.154   5.539   3.055   1.00 0.00 ? 12 DG  B "H2''" 1 
ATOM   377 H "H1'"  . DG  B 1 4  ? 1.160   4.972   1.091   1.00 0.00 ? 12 DG  B "H1'"  1 
ATOM   378 H H8     . DG  B 1 4  ? 3.969   7.484   0.412   1.00 0.00 ? 12 DG  B H8     1 
ATOM   379 H H1     . DG  B 1 4  ? 2.654   3.863   -4.661  1.00 0.00 ? 12 DG  B H1     1 
ATOM   380 H H21    . DG  B 1 4  ? 0.796   2.709   -4.269  1.00 0.00 ? 12 DG  B H21    1 
ATOM   381 H H22    . DG  B 1 4  ? 0.122   2.565   -2.641  1.00 0.00 ? 12 DG  B H22    1 
ATOM   382 P P      . DC  B 1 5  ? 2.304   7.810   5.355   1.00 0.00 ? 13 DC  B P      1 
ATOM   383 O OP1    . DC  B 1 5  ? 1.737   8.067   6.700   1.00 0.00 ? 13 DC  B OP1    1 
ATOM   384 O OP2    . DC  B 1 5  ? 3.247   8.774   4.744   1.00 0.00 ? 13 DC  B OP2    1 
ATOM   385 O "O5'"  . DC  B 1 5  ? 2.966   6.353   5.391   1.00 0.00 ? 13 DC  B "O5'"  1 
ATOM   386 C "C5'"  . DC  B 1 5  ? 2.198   5.268   5.947   1.00 0.00 ? 13 DC  B "C5'"  1 
ATOM   387 C "C4'"  . DC  B 1 5  ? 2.982   3.989   6.046   1.00 0.00 ? 13 DC  B "C4'"  1 
ATOM   388 O "O4'"  . DC  B 1 5  ? 3.784   3.818   4.881   1.00 0.00 ? 13 DC  B "O4'"  1 
ATOM   389 C "C3'"  . DC  B 1 5  ? 3.955   4.135   7.152   1.00 0.00 ? 13 DC  B "C3'"  1 
ATOM   390 O "O3'"  . DC  B 1 5  ? 3.335   3.950   8.437   1.00 0.00 ? 13 DC  B "O3'"  1 
ATOM   391 C "C2'"  . DC  B 1 5  ? 5.007   3.145   6.754   1.00 0.00 ? 13 DC  B "C2'"  1 
ATOM   392 C "C1'"  . DC  B 1 5  ? 4.747   2.847   5.281   1.00 0.00 ? 13 DC  B "C1'"  1 
ATOM   393 N N1     . DC  B 1 5  ? 5.975   2.924   4.480   1.00 0.00 ? 13 DC  B N1     1 
ATOM   394 C C2     . DC  B 1 5  ? 6.243   1.889   3.607   1.00 0.00 ? 13 DC  B C2     1 
ATOM   395 O O2     . DC  B 1 5  ? 5.489   0.924   3.513   1.00 0.00 ? 13 DC  B O2     1 
ATOM   396 N N3     . DC  B 1 5  ? 7.363   1.952   2.845   1.00 0.00 ? 13 DC  B N3     1 
ATOM   397 C C4     . DC  B 1 5  ? 8.221   2.973   2.944   1.00 0.00 ? 13 DC  B C4     1 
ATOM   398 N N4     . DC  B 1 5  ? 9.315   2.953   2.180   1.00 0.00 ? 13 DC  B N4     1 
ATOM   399 C C5     . DC  B 1 5  ? 7.967   4.051   3.851   1.00 0.00 ? 13 DC  B C5     1 
ATOM   400 C C6     . DC  B 1 5  ? 6.814   3.982   4.594   1.00 0.00 ? 13 DC  B C6     1 
ATOM   401 H "H5'"  . DC  B 1 5  ? 1.288   5.053   5.417   1.00 0.00 ? 13 DC  B "H5'"  1 
ATOM   402 H "H5''" . DC  B 1 5  ? 1.954   5.558   6.962   1.00 0.00 ? 13 DC  B "H5''" 1 
ATOM   403 H "H4'"  . DC  B 1 5  ? 2.421   3.086   6.213   1.00 0.00 ? 13 DC  B "H4'"  1 
ATOM   404 H "H3'"  . DC  B 1 5  ? 4.288   5.141   6.988   1.00 0.00 ? 13 DC  B "H3'"  1 
ATOM   405 H "H2'"  . DC  B 1 5  ? 5.941   3.668   6.957   1.00 0.00 ? 13 DC  B "H2'"  1 
ATOM   406 H "H2''" . DC  B 1 5  ? 4.946   2.245   7.345   1.00 0.00 ? 13 DC  B "H2''" 1 
ATOM   407 H "H1'"  . DC  B 1 5  ? 4.297   1.868   5.123   1.00 0.00 ? 13 DC  B "H1'"  1 
ATOM   408 H H41    . DC  B 1 5  ? 10.062  3.623   2.312   1.00 0.00 ? 13 DC  B H41    1 
ATOM   409 H H42    . DC  B 1 5  ? 9.310   2.327   1.386   1.00 0.00 ? 13 DC  B H42    1 
ATOM   410 H H5     . DC  B 1 5  ? 8.586   4.900   3.998   1.00 0.00 ? 13 DC  B H5     1 
ATOM   411 H H6     . DC  B 1 5  ? 6.570   4.776   5.267   1.00 0.00 ? 13 DC  B H6     1 
ATOM   412 P P      . DT  B 1 6  ? 4.077   3.228   9.675   1.00 0.00 ? 14 DT  B P      1 
ATOM   413 O OP1    . DT  B 1 6  ? 3.168   3.182   10.842  1.00 0.00 ? 14 DT  B OP1    1 
ATOM   414 O OP2    . DT  B 1 6  ? 5.439   3.797   9.815   1.00 0.00 ? 14 DT  B OP2    1 
ATOM   415 O "O5'"  . DT  B 1 6  ? 4.206   1.703   9.135   1.00 0.00 ? 14 DT  B "O5'"  1 
ATOM   416 C "C5'"  . DT  B 1 6  ? 2.970   1.012   8.891   1.00 0.00 ? 14 DT  B "C5'"  1 
ATOM   417 C "C4'"  . DT  B 1 6  ? 3.073   -0.358  8.226   1.00 0.00 ? 14 DT  B "C4'"  1 
ATOM   418 O "O4'"  . DT  B 1 6  ? 3.811   -0.190  7.005   1.00 0.00 ? 14 DT  B "O4'"  1 
ATOM   419 C "C3'"  . DT  B 1 6  ? 3.803   -1.336  9.107   1.00 0.00 ? 14 DT  B "C3'"  1 
ATOM   420 O "O3'"  . DT  B 1 6  ? 2.858   -2.087  9.918   1.00 0.00 ? 14 DT  B "O3'"  1 
ATOM   421 C "C2'"  . DT  B 1 6  ? 4.679   -2.073  8.059   1.00 0.00 ? 14 DT  B "C2'"  1 
ATOM   422 C "C1'"  . DT  B 1 6  ? 4.533   -1.393  6.720   1.00 0.00 ? 14 DT  B "C1'"  1 
ATOM   423 N N1     . DT  B 1 6  ? 5.875   -0.994  6.138   1.00 0.00 ? 14 DT  B N1     1 
ATOM   424 C C2     . DT  B 1 6  ? 6.458   -1.592  5.019   1.00 0.00 ? 14 DT  B C2     1 
ATOM   425 O O2     . DT  B 1 6  ? 6.055   -2.617  4.488   1.00 0.00 ? 14 DT  B O2     1 
ATOM   426 N N3     . DT  B 1 6  ? 7.599   -0.973  4.523   1.00 0.00 ? 14 DT  B N3     1 
ATOM   427 C C4     . DT  B 1 6  ? 8.266   0.098   5.090   1.00 0.00 ? 14 DT  B C4     1 
ATOM   428 O O4     . DT  B 1 6  ? 9.275   0.565   4.557   1.00 0.00 ? 14 DT  B O4     1 
ATOM   429 C C5     . DT  B 1 6  ? 7.658   0.576   6.305   1.00 0.00 ? 14 DT  B C5     1 
ATOM   430 C C7     . DT  B 1 6  ? 8.312   1.721   7.076   1.00 0.00 ? 14 DT  B C7     1 
ATOM   431 C C6     . DT  B 1 6  ? 6.518   0.026   6.765   1.00 0.00 ? 14 DT  B C6     1 
ATOM   432 H "H5'"  . DT  B 1 6  ? 2.437   1.622   8.183   1.00 0.00 ? 14 DT  B "H5'"  1 
ATOM   433 H "H5''" . DT  B 1 6  ? 2.444   0.941   9.842   1.00 0.00 ? 14 DT  B "H5''" 1 
ATOM   434 H "H4'"  . DT  B 1 6  ? 2.094   -0.806  8.055   1.00 0.00 ? 14 DT  B "H4'"  1 
ATOM   435 H "H3'"  . DT  B 1 6  ? 4.404   -0.716  9.759   1.00 0.00 ? 14 DT  B "H3'"  1 
ATOM   436 H "H2'"  . DT  B 1 6  ? 5.712   -1.834  8.239   1.00 0.00 ? 14 DT  B "H2'"  1 
ATOM   437 H "H2''" . DT  B 1 6  ? 4.579   -3.159  7.939   1.00 0.00 ? 14 DT  B "H2''" 1 
ATOM   438 H "H1'"  . DT  B 1 6  ? 3.888   -2.069  6.198   1.00 0.00 ? 14 DT  B "H1'"  1 
ATOM   439 H H3     . DT  B 1 6  ? 7.994   -1.320  3.658   1.00 0.00 ? 14 DT  B H3     1 
ATOM   440 H H71    . DT  B 1 6  ? 9.234   2.021   6.576   1.00 0.00 ? 14 DT  B H71    1 
ATOM   441 H H72    . DT  B 1 6  ? 7.640   2.576   7.112   1.00 0.00 ? 14 DT  B H72    1 
ATOM   442 H H73    . DT  B 1 6  ? 8.536   1.401   8.093   1.00 0.00 ? 14 DT  B H73    1 
ATOM   443 H H6     . DT  B 1 6  ? 6.026   0.331   7.658   1.00 0.00 ? 14 DT  B H6     1 
ATOM   444 P P      . DT  B 1 7  ? 3.258   -2.952  11.245  1.00 0.00 ? 15 DT  B P      1 
ATOM   445 O OP1    . DT  B 1 7  ? 2.076   -3.244  12.095  1.00 0.00 ? 15 DT  B OP1    1 
ATOM   446 O OP2    . DT  B 1 7  ? 4.463   -2.327  11.832  1.00 0.00 ? 15 DT  B OP2    1 
ATOM   447 O "O5'"  . DT  B 1 7  ? 3.692   -4.299  10.491  1.00 0.00 ? 15 DT  B "O5'"  1 
ATOM   448 C "C5'"  . DT  B 1 7  ? 2.756   -4.868  9.567   1.00 0.00 ? 15 DT  B "C5'"  1 
ATOM   449 C "C4'"  . DT  B 1 7  ? 3.401   -5.794  8.549   1.00 0.00 ? 15 DT  B "C4'"  1 
ATOM   450 O "O4'"  . DT  B 1 7  ? 4.360   -5.019  7.820   1.00 0.00 ? 15 DT  B "O4'"  1 
ATOM   451 C "C3'"  . DT  B 1 7  ? 4.081   -7.033  9.121   1.00 0.00 ? 15 DT  B "C3'"  1 
ATOM   452 O "O3'"  . DT  B 1 7  ? 3.767   -8.234  8.409   1.00 0.00 ? 15 DT  B "O3'"  1 
ATOM   453 C "C2'"  . DT  B 1 7  ? 5.530   -6.639  9.014   1.00 0.00 ? 15 DT  B "C2'"  1 
ATOM   454 C "C1'"  . DT  B 1 7  ? 5.604   -5.707  7.818   1.00 0.00 ? 15 DT  B "C1'"  1 
ATOM   455 N N1     . DT  B 1 7  ? 6.696   -4.708  7.900   1.00 0.00 ? 15 DT  B N1     1 
ATOM   456 C C2     . DT  B 1 7  ? 7.580   -4.616  6.841   1.00 0.00 ? 15 DT  B C2     1 
ATOM   457 O O2     . DT  B 1 7  ? 7.586   -5.407  5.898   1.00 0.00 ? 15 DT  B O2     1 
ATOM   458 N N3     . DT  B 1 7  ? 8.483   -3.578  6.912   1.00 0.00 ? 15 DT  B N3     1 
ATOM   459 C C4     . DT  B 1 7  ? 8.652   -2.692  7.955   1.00 0.00 ? 15 DT  B C4     1 
ATOM   460 O O4     . DT  B 1 7  ? 9.503   -1.806  7.891   1.00 0.00 ? 15 DT  B O4     1 
ATOM   461 C C5     . DT  B 1 7  ? 7.744   -2.921  9.058   1.00 0.00 ? 15 DT  B C5     1 
ATOM   462 C C7     . DT  B 1 7  ? 7.851   -2.058  10.315  1.00 0.00 ? 15 DT  B C7     1 
ATOM   463 C C6     . DT  B 1 7  ? 6.801   -3.883  8.986   1.00 0.00 ? 15 DT  B C6     1 
ATOM   464 H "H5'"  . DT  B 1 7  ? 2.288   -4.069  9.002   1.00 0.00 ? 15 DT  B "H5'"  1 
ATOM   465 H "H5''" . DT  B 1 7  ? 1.976   -5.352  10.126  1.00 0.00 ? 15 DT  B "H5''" 1 
ATOM   466 H "H4'"  . DT  B 1 7  ? 2.677   -6.160  7.835   1.00 0.00 ? 15 DT  B "H4'"  1 
ATOM   467 H "H3'"  . DT  B 1 7  ? 3.746   -7.203  10.145  1.00 0.00 ? 15 DT  B "H3'"  1 
ATOM   468 H "H2'"  . DT  B 1 7  ? 5.750   -6.124  9.950   1.00 0.00 ? 15 DT  B "H2'"  1 
ATOM   469 H "H2''" . DT  B 1 7  ? 6.179   -7.485  8.801   1.00 0.00 ? 15 DT  B "H2''" 1 
ATOM   470 H "H1'"  . DT  B 1 7  ? 5.661   -6.267  6.896   1.00 0.00 ? 15 DT  B "H1'"  1 
ATOM   471 H H3     . DT  B 1 7  ? 9.070   -3.455  6.100   1.00 0.00 ? 15 DT  B H3     1 
ATOM   472 H H71    . DT  B 1 7  ? 8.649   -1.326  10.190  1.00 0.00 ? 15 DT  B H71    1 
ATOM   473 H H72    . DT  B 1 7  ? 6.908   -1.533  10.473  1.00 0.00 ? 15 DT  B H72    1 
ATOM   474 H H73    . DT  B 1 7  ? 8.068   -2.689  11.175  1.00 0.00 ? 15 DT  B H73    1 
ATOM   475 H H6     . DT  B 1 7  ? 6.081   -4.026  9.771   1.00 0.00 ? 15 DT  B H6     1 
ATOM   476 P P      . DC  B 1 8  ? 4.264   -9.672  8.966   1.00 0.00 ? 16 DC  B P      1 
ATOM   477 O OP1    . DC  B 1 8  ? 3.354   -10.709 8.431   1.00 0.00 ? 16 DC  B OP1    1 
ATOM   478 O OP2    . DC  B 1 8  ? 4.473   -9.563  10.429  1.00 0.00 ? 16 DC  B OP2    1 
ATOM   479 O "O5'"  . DC  B 1 8  ? 5.708   -9.841  8.263   1.00 0.00 ? 16 DC  B "O5'"  1 
ATOM   480 C "C5'"  . DC  B 1 8  ? 5.741   -10.193 6.878   1.00 0.00 ? 16 DC  B "C5'"  1 
ATOM   481 C "C4'"  . DC  B 1 8  ? 7.119   -10.103 6.245   1.00 0.00 ? 16 DC  B "C4'"  1 
ATOM   482 O "O4'"  . DC  B 1 8  ? 7.552   -8.750  6.329   1.00 0.00 ? 16 DC  B "O4'"  1 
ATOM   483 C "C3'"  . DC  B 1 8  ? 8.178   -10.929 6.972   1.00 0.00 ? 16 DC  B "C3'"  1 
ATOM   484 O "O3'"  . DC  B 1 8  ? 8.235   -12.300 6.558   1.00 0.00 ? 16 DC  B "O3'"  1 
ATOM   485 C "C2'"  . DC  B 1 8  ? 9.471   -10.129 6.618   1.00 0.00 ? 16 DC  B "C2'"  1 
ATOM   486 C "C1'"  . DC  B 1 8  ? 8.977   -8.717  6.196   1.00 0.00 ? 16 DC  B "C1'"  1 
ATOM   487 N N1     . DC  B 1 8  ? 9.476   -7.625  7.059   1.00 0.00 ? 16 DC  B N1     1 
ATOM   488 C C2     . DC  B 1 8  ? 10.291  -6.632  6.537   1.00 0.00 ? 16 DC  B C2     1 
ATOM   489 O O2     . DC  B 1 8  ? 10.612  -6.636  5.352   1.00 0.00 ? 16 DC  B O2     1 
ATOM   490 N N3     . DC  B 1 8  ? 10.728  -5.647  7.368   1.00 0.00 ? 16 DC  B N3     1 
ATOM   491 C C4     . DC  B 1 8  ? 10.359  -5.602  8.657   1.00 0.00 ? 16 DC  B C4     1 
ATOM   492 N N4     . DC  B 1 8  ? 10.827  -4.620  9.433   1.00 0.00 ? 16 DC  B N4     1 
ATOM   493 C C5     . DC  B 1 8  ? 9.479   -6.595  9.197   1.00 0.00 ? 16 DC  B C5     1 
ATOM   494 C C6     . DC  B 1 8  ? 9.105   -7.617  8.356   1.00 0.00 ? 16 DC  B C6     1 
ATOM   495 H "H5'"  . DC  B 1 8  ? 5.128   -9.456  6.371   1.00 0.00 ? 16 DC  B "H5'"  1 
ATOM   496 H "H5''" . DC  B 1 8  ? 5.327   -11.190 6.769   1.00 0.00 ? 16 DC  B "H5''" 1 
ATOM   497 H "H4'"  . DC  B 1 8  ? 7.044   -10.417 5.202   1.00 0.00 ? 16 DC  B "H4'"  1 
ATOM   498 H "H3'"  . DC  B 1 8  ? 7.874   -10.916 8.036   1.00 0.00 ? 16 DC  B "H3'"  1 
ATOM   499 H "HO3'" . DC  B 1 8  ? 7.369   -12.680 6.720   1.00 0.00 ? 16 DC  B "HO3'" 1 
ATOM   500 H "H2'"  . DC  B 1 8  ? 10.137  -10.034 7.490   1.00 0.00 ? 16 DC  B "H2'"  1 
ATOM   501 H "H2''" . DC  B 1 8  ? 10.076  -10.578 5.813   1.00 0.00 ? 16 DC  B "H2''" 1 
ATOM   502 H "H1'"  . DC  B 1 8  ? 9.217   -8.471  5.161   1.00 0.00 ? 16 DC  B "H1'"  1 
ATOM   503 H H41    . DC  B 1 8  ? 11.572  -4.034  9.076   1.00 0.00 ? 16 DC  B H41    1 
ATOM   504 H H42    . DC  B 1 8  ? 10.506  -4.516  10.386  1.00 0.00 ? 16 DC  B H42    1 
ATOM   505 H H5     . DC  B 1 8  ? 9.091   -6.592  10.188  1.00 0.00 ? 16 DC  B H5     1 
ATOM   506 H H6     . DC  B 1 8  ? 8.519   -8.438  8.696   1.00 0.00 ? 16 DC  B H6     1 
ATOM   507 N N      . THR C 2 1  ? 2.599   -0.518  -2.027  1.00 0.00 ? 1  THR C N      1 
ATOM   508 C CA     . THR C 2 1  ? 1.448   -1.390  -1.660  1.00 0.00 ? 1  THR C CA     1 
ATOM   509 C C      . THR C 2 1  ? 1.339   -1.554  -0.146  1.00 0.00 ? 1  THR C C      1 
ATOM   510 O O      . THR C 2 1  ? 2.304   -1.465  0.581   1.00 0.00 ? 1  THR C O      1 
ATOM   511 C CB     . THR C 2 1  ? 1.622   -2.795  -2.284  1.00 0.00 ? 1  THR C CB     1 
ATOM   512 O OG1    . THR C 2 1  ? 2.858   -3.388  -1.893  1.00 0.00 ? 1  THR C OG1    1 
ATOM   513 C CG2    . THR C 2 1  ? 1.655   -2.719  -3.798  1.00 0.00 ? 1  THR C CG2    1 
ATOM   514 H H      . THR C 2 1  ? 3.414   -0.528  -1.481  1.00 0.00 ? 1  THR C H      1 
ATOM   515 H HA     . THR C 2 1  ? 0.532   -0.949  -2.028  1.00 0.00 ? 1  THR C HA     1 
ATOM   516 H HB     . THR C 2 1  ? 0.801   -3.419  -1.973  1.00 0.00 ? 1  THR C HB     1 
ATOM   517 H HG21   . THR C 2 1  ? 1.215   -1.796  -4.125  1.00 0.00 ? 1  THR C HG21   1 
ATOM   518 H HG22   . THR C 2 1  ? 2.685   -2.770  -4.130  1.00 0.00 ? 1  THR C HG22   1 
ATOM   519 H HG23   . THR C 2 1  ? 1.110   -3.555  -4.208  1.00 0.00 ? 1  THR C HG23   1 
HETATM 520 N N      . DVA C 2 2  ? 0.157   -1.860  0.301   1.00 0.00 ? 2  DVA C N      1 
HETATM 521 C CA     . DVA C 2 2  ? -0.096  -2.136  1.743   1.00 0.00 ? 2  DVA C CA     1 
HETATM 522 C CB     . DVA C 2 2  ? -1.071  -3.303  1.791   1.00 0.00 ? 2  DVA C CB     1 
HETATM 523 C CG1    . DVA C 2 2  ? -1.338  -3.725  3.241   1.00 0.00 ? 2  DVA C CG1    1 
HETATM 524 C CG2    . DVA C 2 2  ? -0.480  -4.478  1.000   1.00 0.00 ? 2  DVA C CG2    1 
HETATM 525 C C      . DVA C 2 2  ? -0.723  -0.937  2.463   1.00 0.00 ? 2  DVA C C      1 
HETATM 526 O O      . DVA C 2 2  ? -1.815  -0.525  2.124   1.00 0.00 ? 2  DVA C O      1 
HETATM 527 H H      . DVA C 2 2  ? -0.579  -1.963  -0.340  1.00 0.00 ? 2  DVA C H      1 
HETATM 528 H HA     . DVA C 2 2  ? 0.820   -2.417  2.224   1.00 0.00 ? 2  DVA C HA     1 
HETATM 529 H HB     . DVA C 2 2  ? -1.997  -2.987  1.329   1.00 0.00 ? 2  DVA C HB     1 
HETATM 530 H HG11   . DVA C 2 2  ? -1.575  -2.853  3.835   1.00 0.00 ? 2  DVA C HG11   1 
HETATM 531 H HG12   . DVA C 2 2  ? -2.171  -4.413  3.270   1.00 0.00 ? 2  DVA C HG12   1 
HETATM 532 H HG13   . DVA C 2 2  ? -0.461  -4.206  3.646   1.00 0.00 ? 2  DVA C HG13   1 
HETATM 533 H HG21   . DVA C 2 2  ? 0.019   -4.102  0.116   1.00 0.00 ? 2  DVA C HG21   1 
HETATM 534 H HG22   . DVA C 2 2  ? 0.235   -5.004  1.614   1.00 0.00 ? 2  DVA C HG22   1 
HETATM 535 H HG23   . DVA C 2 2  ? -1.269  -5.152  0.706   1.00 0.00 ? 2  DVA C HG23   1 
ATOM   536 N N      . PRO C 2 3  ? -0.120  -0.554  3.564   1.00 0.00 ? 3  PRO C N      1 
ATOM   537 C CA     . PRO C 2 3  ? 1.270   -0.940  3.900   1.00 0.00 ? 3  PRO C CA     1 
ATOM   538 C C      . PRO C 2 3  ? 1.286   -2.353  4.491   1.00 0.00 ? 3  PRO C C      1 
ATOM   539 O O      . PRO C 2 3  ? 0.388   -2.721  5.222   1.00 0.00 ? 3  PRO C O      1 
ATOM   540 C CB     . PRO C 2 3  ? 1.679   0.055   4.977   1.00 0.00 ? 3  PRO C CB     1 
ATOM   541 C CG     . PRO C 2 3  ? 0.728   1.233   4.823   1.00 0.00 ? 3  PRO C CG     1 
ATOM   542 C CD     . PRO C 2 3  ? -0.577  0.617   4.322   1.00 0.00 ? 3  PRO C CD     1 
ATOM   543 H HA     . PRO C 2 3  ? 1.908   -0.854  3.040   1.00 0.00 ? 3  PRO C HA     1 
ATOM   544 H HB2    . PRO C 2 3  ? 1.545   -0.385  5.938   1.00 0.00 ? 3  PRO C HB2    1 
ATOM   545 H HB3    . PRO C 2 3  ? 2.701   0.366   4.835   1.00 0.00 ? 3  PRO C HB3    1 
ATOM   546 H HG2    . PRO C 2 3  ? 0.581   1.722   5.771   1.00 0.00 ? 3  PRO C HG2    1 
ATOM   547 H HG3    . PRO C 2 3  ? 1.121   1.915   4.102   1.00 0.00 ? 3  PRO C HG3    1 
ATOM   548 H HD2    . PRO C 2 3  ? -1.175  0.298   5.154   1.00 0.00 ? 3  PRO C HD2    1 
ATOM   549 H HD3    . PRO C 2 3  ? -1.123  1.298   3.693   1.00 0.00 ? 3  PRO C HD3    1 
HETATM 550 N N      . SAR C 2 4  ? 2.285   -3.150  4.213   1.00 0.00 ? 4  SAR C N      1 
HETATM 551 C CA     . SAR C 2 4  ? 3.417   -2.826  3.356   1.00 0.00 ? 4  SAR C CA     1 
HETATM 552 C C      . SAR C 2 4  ? 3.237   -3.491  1.994   1.00 0.00 ? 4  SAR C C      1 
HETATM 553 O O      . SAR C 2 4  ? 2.338   -4.284  1.815   1.00 0.00 ? 4  SAR C O      1 
HETATM 554 C CN     . SAR C 2 4  ? 2.404   -4.545  4.775   1.00 0.00 ? 4  SAR C CN     1 
HETATM 555 H HA2    . SAR C 2 4  ? 4.320   -3.203  3.807   1.00 0.00 ? 4  SAR C HA2    1 
HETATM 556 H HA3    . SAR C 2 4  ? 3.498   -1.755  3.230   1.00 0.00 ? 4  SAR C HA3    1 
HETATM 557 H HN1    . SAR C 2 4  ? 3.361   -4.629  5.285   1.00 0.00 ? 4  SAR C HN1    1 
HETATM 558 H HN2    . SAR C 2 4  ? 2.283   -5.262  3.969   1.00 0.00 ? 4  SAR C HN2    1 
HETATM 559 H HN3    . SAR C 2 4  ? 1.598   -4.661  5.503   1.00 0.00 ? 4  SAR C HN3    1 
HETATM 560 N N      . MVA C 2 5  ? 4.194   -3.309  1.104   1.00 0.00 ? 5  MVA C N      1 
HETATM 561 C CN     . MVA C 2 5  ? 5.505   -2.630  1.433   1.00 0.00 ? 5  MVA C CN     1 
HETATM 562 C CA     . MVA C 2 5  ? 4.303   -4.012  -0.175  1.00 0.00 ? 5  MVA C CA     1 
HETATM 563 C CB     . MVA C 2 5  ? 4.979   -5.391  0.034   1.00 0.00 ? 5  MVA C CB     1 
HETATM 564 C CG1    . MVA C 2 5  ? 4.551   -6.006  1.374   1.00 0.00 ? 5  MVA C CG1    1 
HETATM 565 C CG2    . MVA C 2 5  ? 4.599   -6.353  -1.107  1.00 0.00 ? 5  MVA C CG2    1 
HETATM 566 C C      . MVA C 2 5  ? 2.930   -4.168  -0.843  1.00 0.00 ? 5  MVA C C      1 
HETATM 567 O O      . MVA C 2 5  ? 2.069   -4.936  -0.459  1.00 0.00 ? 5  MVA C O      1 
HETATM 568 H HN1    . MVA C 2 5  ? 5.973   -2.288  0.509   1.00 0.00 ? 5  MVA C HN1    1 
HETATM 569 H HN2    . MVA C 2 5  ? 6.162   -3.335  1.928   1.00 0.00 ? 5  MVA C HN2    1 
HETATM 570 H HN3    . MVA C 2 5  ? 5.333   -1.775  2.086   1.00 0.00 ? 5  MVA C HN3    1 
HETATM 571 H HA     . MVA C 2 5  ? 4.926   -3.423  -0.842  1.00 0.00 ? 5  MVA C HA     1 
HETATM 572 H HB     . MVA C 2 5  ? 6.053   -5.252  0.042   1.00 0.00 ? 5  MVA C HB     1 
HETATM 573 H HG11   . MVA C 2 5  ? 3.476   -6.082  1.411   1.00 0.00 ? 5  MVA C HG11   1 
HETATM 574 H HG12   . MVA C 2 5  ? 4.896   -5.382  2.185   1.00 0.00 ? 5  MVA C HG12   1 
HETATM 575 H HG13   . MVA C 2 5  ? 4.984   -6.990  1.472   1.00 0.00 ? 5  MVA C HG13   1 
HETATM 576 H HG21   . MVA C 2 5  ? 5.354   -7.120  -1.200  1.00 0.00 ? 5  MVA C HG21   1 
HETATM 577 H HG22   . MVA C 2 5  ? 4.527   -5.806  -2.035  1.00 0.00 ? 5  MVA C HG22   1 
HETATM 578 H HG23   . MVA C 2 5  ? 3.645   -6.815  -0.888  1.00 0.00 ? 5  MVA C HG23   1 
HETATM 579 C C1     . PXZ C 2 6  ? 3.721   1.119   -3.414  1.00 0.00 ? 6  PXZ C C1     1 
HETATM 580 C C0     . PXZ C 2 6  ? 2.527   0.257   -3.083  1.00 0.00 ? 6  PXZ C C0     1 
HETATM 581 O O1     . PXZ C 2 6  ? 1.540   0.290   -3.784  1.00 0.00 ? 6  PXZ C O1     1 
HETATM 582 C C2     . PXZ C 2 6  ? 4.402   0.943   -4.601  1.00 0.00 ? 6  PXZ C C2     1 
HETATM 583 N N2     . PXZ C 2 6  ? 3.866   -0.017  -5.641  1.00 0.00 ? 6  PXZ C N2     1 
HETATM 584 C C3     . PXZ C 2 6  ? 5.644   1.588   -4.834  1.00 0.00 ? 6  PXZ C C3     1 
HETATM 585 O O3     . PXZ C 2 6  ? 6.219   1.310   -5.884  1.00 0.00 ? 6  PXZ C O3     1 
HETATM 586 C C4     . PXZ C 2 6  ? 6.208   2.479   -3.829  1.00 0.00 ? 6  PXZ C C4     1 
HETATM 587 O O5     . PXZ C 2 6  ? 5.955   3.456   -1.628  1.00 0.00 ? 6  PXZ C O5     1 
HETATM 588 C C6     . PXZ C 2 6  ? 5.814   4.336   0.627   1.00 0.00 ? 6  PXZ C C6     1 
HETATM 589 C C7     . PXZ C 2 6  ? 5.113   4.346   1.848   1.00 0.00 ? 6  PXZ C C7     1 
HETATM 590 C C8     . PXZ C 2 6  ? 3.968   3.586   2.026   1.00 0.00 ? 6  PXZ C C8     1 
HETATM 591 C C9     . PXZ C 2 6  ? 3.445   2.784   1.015   1.00 0.00 ? 6  PXZ C C9     1 
HETATM 592 C "C0'"  . PXZ C 2 6  ? 2.126   2.168   1.383   1.00 0.00 ? 6  PXZ C "C0'"  1 
HETATM 593 O "O1'"  . PXZ C 2 6  ? 2.032   1.497   2.386   1.00 0.00 ? 6  PXZ C "O1'"  1 
HETATM 594 N N10    . PXZ C 2 6  ? 3.586   2.000   -1.228  1.00 0.00 ? 6  PXZ C N10    1 
HETATM 595 C C11    . PXZ C 2 6  ? 4.243   1.958   -2.424  1.00 0.00 ? 6  PXZ C C11    1 
HETATM 596 C C12    . PXZ C 2 6  ? 5.475   2.662   -2.635  1.00 0.00 ? 6  PXZ C C12    1 
HETATM 597 C C13    . PXZ C 2 6  ? 5.309   3.522   -0.417  1.00 0.00 ? 6  PXZ C C13    1 
HETATM 598 C C14    . PXZ C 2 6  ? 4.103   2.754   -0.227  1.00 0.00 ? 6  PXZ C C14    1 
HETATM 599 C C15    . PXZ C 2 6  ? 7.553   3.146   -4.105  1.00 0.00 ? 6  PXZ C C15    1 
HETATM 600 C C16    . PXZ C 2 6  ? 7.074   5.188   0.443   1.00 0.00 ? 6  PXZ C C16    1 
HETATM 601 H HN21   . PXZ C 2 6  ? 4.431   -0.231  -6.452  1.00 0.00 ? 6  PXZ C HN21   1 
HETATM 602 H HN22   . PXZ C 2 6  ? 2.925   -0.389  -5.612  1.00 0.00 ? 6  PXZ C HN22   1 
HETATM 603 H H7     . PXZ C 2 6  ? 5.374   4.910   2.732   1.00 0.00 ? 6  PXZ C H7     1 
HETATM 604 H H8     . PXZ C 2 6  ? 3.444   3.603   2.981   1.00 0.00 ? 6  PXZ C H8     1 
HETATM 605 H H151   . PXZ C 2 6  ? 8.161   3.102   -3.203  1.00 0.00 ? 6  PXZ C H151   1 
HETATM 606 H H152   . PXZ C 2 6  ? 7.383   4.175   -4.414  1.00 0.00 ? 6  PXZ C H152   1 
HETATM 607 H H153   . PXZ C 2 6  ? 8.054   2.595   -4.903  1.00 0.00 ? 6  PXZ C H153   1 
HETATM 608 H H161   . PXZ C 2 6  ? 7.354   5.673   1.376   1.00 0.00 ? 6  PXZ C H161   1 
HETATM 609 H H162   . PXZ C 2 6  ? 6.870   5.944   -0.317  1.00 0.00 ? 6  PXZ C H162   1 
HETATM 610 H H163   . PXZ C 2 6  ? 7.887   4.547   0.098   1.00 0.00 ? 6  PXZ C H163   1 
ATOM   611 N N      . THR C 2 7  ? 1.100   2.398   0.610   1.00 0.00 ? 7  THR C N      1 
ATOM   612 C CA     . THR C 2 7  ? -0.239  1.847   0.953   1.00 0.00 ? 7  THR C CA     1 
ATOM   613 C C      . THR C 2 7  ? -0.919  1.254   -0.267  1.00 0.00 ? 7  THR C C      1 
ATOM   614 O O      . THR C 2 7  ? -0.499  1.441   -1.385  1.00 0.00 ? 7  THR C O      1 
ATOM   615 C CB     . THR C 2 7  ? -1.157  2.980   1.440   1.00 0.00 ? 7  THR C CB     1 
ATOM   616 O OG1    . THR C 2 7  ? -1.074  4.074   0.549   1.00 0.00 ? 7  THR C OG1    1 
ATOM   617 C CG2    . THR C 2 7  ? -0.774  3.479   2.832   1.00 0.00 ? 7  THR C CG2    1 
ATOM   618 H H      . THR C 2 7  ? 1.205   2.950   -0.182  1.00 0.00 ? 7  THR C H      1 
ATOM   619 H HA     . THR C 2 7  ? -0.151  1.097   1.717   1.00 0.00 ? 7  THR C HA     1 
ATOM   620 H HB     . THR C 2 7  ? -2.172  2.620   1.454   1.00 0.00 ? 7  THR C HB     1 
ATOM   621 H HG21   . THR C 2 7  ? -0.140  2.768   3.316   1.00 0.00 ? 7  THR C HG21   1 
ATOM   622 H HG22   . THR C 2 7  ? -0.255  4.426   2.737   1.00 0.00 ? 7  THR C HG22   1 
ATOM   623 H HG23   . THR C 2 7  ? -1.675  3.630   3.414   1.00 0.00 ? 7  THR C HG23   1 
HETATM 624 N N      . DVA C 2 8  ? -2.017  0.597   -0.017  1.00 0.00 ? 8  DVA C N      1 
HETATM 625 C CA     . DVA C 2 8  ? -2.861  0.016   -1.085  1.00 0.00 ? 8  DVA C CA     1 
HETATM 626 C CB     . DVA C 2 8  ? -4.132  -0.524  -0.461  1.00 0.00 ? 8  DVA C CB     1 
HETATM 627 C CG1    . DVA C 2 8  ? -5.051  -1.068  -1.565  1.00 0.00 ? 8  DVA C CG1    1 
HETATM 628 C CG2    . DVA C 2 8  ? -4.840  0.606   0.297   1.00 0.00 ? 8  DVA C CG2    1 
HETATM 629 C C      . DVA C 2 8  ? -2.161  -1.100  -1.858  1.00 0.00 ? 8  DVA C C      1 
HETATM 630 O O      . DVA C 2 8  ? -1.863  -2.149  -1.325  1.00 0.00 ? 8  DVA C O      1 
HETATM 631 H H      . DVA C 2 8  ? -2.318  0.522   0.911   1.00 0.00 ? 8  DVA C H      1 
HETATM 632 H HA     . DVA C 2 8  ? -3.122  0.804   -1.766  1.00 0.00 ? 8  DVA C HA     1 
HETATM 633 H HB     . DVA C 2 8  ? -3.866  -1.316  0.223   1.00 0.00 ? 8  DVA C HB     1 
HETATM 634 H HG11   . DVA C 2 8  ? -5.208  -0.304  -2.312  1.00 0.00 ? 8  DVA C HG11   1 
HETATM 635 H HG12   . DVA C 2 8  ? -4.589  -1.930  -2.028  1.00 0.00 ? 8  DVA C HG12   1 
HETATM 636 H HG13   . DVA C 2 8  ? -5.999  -1.356  -1.139  1.00 0.00 ? 8  DVA C HG13   1 
HETATM 637 H HG21   . DVA C 2 8  ? -4.505  1.560   -0.087  1.00 0.00 ? 8  DVA C HG21   1 
HETATM 638 H HG22   . DVA C 2 8  ? -5.906  0.520   0.164   1.00 0.00 ? 8  DVA C HG22   1 
HETATM 639 H HG23   . DVA C 2 8  ? -4.599  0.541   1.348   1.00 0.00 ? 8  DVA C HG23   1 
ATOM   640 N N      . PRO C 2 9  ? -2.122  -0.876  -3.132  1.00 0.00 ? 9  PRO C N      1 
ATOM   641 C CA     . PRO C 2 9  ? -2.074  0.511   -3.617  1.00 0.00 ? 9  PRO C CA     1 
ATOM   642 C C      . PRO C 2 9  ? -3.470  1.066   -3.866  1.00 0.00 ? 9  PRO C C      1 
ATOM   643 O O      . PRO C 2 9  ? -4.379  0.359   -4.256  1.00 0.00 ? 9  PRO C O      1 
ATOM   644 C CB     . PRO C 2 9  ? -1.247  0.417   -4.862  1.00 0.00 ? 9  PRO C CB     1 
ATOM   645 C CG     . PRO C 2 9  ? -1.552  -0.988  -5.370  1.00 0.00 ? 9  PRO C CG     1 
ATOM   646 C CD     . PRO C 2 9  ? -1.536  -1.820  -4.094  1.00 0.00 ? 9  PRO C CD     1 
ATOM   647 H HA     . PRO C 2 9  ? -1.566  1.115   -2.907  1.00 0.00 ? 9  PRO C HA     1 
ATOM   648 H HB2    . PRO C 2 9  ? -1.519  1.183   -5.562  1.00 0.00 ? 9  PRO C HB2    1 
ATOM   649 H HB3    . PRO C 2 9  ? -0.216  0.493   -4.591  1.00 0.00 ? 9  PRO C HB3    1 
ATOM   650 H HG2    . PRO C 2 9  ? -2.535  -1.015  -5.800  1.00 0.00 ? 9  PRO C HG2    1 
ATOM   651 H HG3    . PRO C 2 9  ? -0.815  -1.322  -6.076  1.00 0.00 ? 9  PRO C HG3    1 
ATOM   652 H HD2    . PRO C 2 9  ? -2.129  -2.704  -4.206  1.00 0.00 ? 9  PRO C HD2    1 
ATOM   653 H HD3    . PRO C 2 9  ? -0.532  -2.056  -3.798  1.00 0.00 ? 9  PRO C HD3    1 
HETATM 654 N N      . SAR C 2 10 ? -3.640  2.334   -3.623  1.00 0.00 ? 10 SAR C N      1 
HETATM 655 C CA     . SAR C 2 10 ? -2.578  3.218   -3.154  1.00 0.00 ? 10 SAR C CA     1 
HETATM 656 C C      . SAR C 2 10 ? -2.934  3.817   -1.799  1.00 0.00 ? 10 SAR C C      1 
HETATM 657 O O      . SAR C 2 10 ? -3.722  3.265   -1.057  1.00 0.00 ? 10 SAR C O      1 
HETATM 658 C CN     . SAR C 2 10 ? -4.965  3.046   -3.734  1.00 0.00 ? 10 SAR C CN     1 
HETATM 659 H HA2    . SAR C 2 10 ? -2.444  4.016   -3.861  1.00 0.00 ? 10 SAR C HA2    1 
HETATM 660 H HA3    . SAR C 2 10 ? -1.658  2.667   -3.067  1.00 0.00 ? 10 SAR C HA3    1 
HETATM 661 H HN1    . SAR C 2 10 ? -5.602  2.484   -4.414  1.00 0.00 ? 10 SAR C HN1    1 
HETATM 662 H HN2    . SAR C 2 10 ? -4.820  4.077   -4.042  1.00 0.00 ? 10 SAR C HN2    1 
HETATM 663 H HN3    . SAR C 2 10 ? -5.397  3.003   -2.731  1.00 0.00 ? 10 SAR C HN3    1 
HETATM 664 N N      . MVA C 2 11 ? -2.359  4.959   -1.488  1.00 0.00 ? 11 MVA C N      1 
HETATM 665 C CN     . MVA C 2 11 ? -1.182  5.525   -2.240  1.00 0.00 ? 11 MVA C CN     1 
HETATM 666 C CA     . MVA C 2 11 ? -2.590  5.712   -0.262  1.00 0.00 ? 11 MVA C CA     1 
HETATM 667 C CB     . MVA C 2 11 ? -4.077  5.659   0.104   1.00 0.00 ? 11 MVA C CB     1 
HETATM 668 C CG1    . MVA C 2 11 ? -4.329  6.390   1.431   1.00 0.00 ? 11 MVA C CG1    1 
HETATM 669 C CG2    . MVA C 2 11 ? -4.889  6.329   -1.010  1.00 0.00 ? 11 MVA C CG2    1 
HETATM 670 C C      . MVA C 2 11 ? -1.756  5.168   0.885   1.00 0.00 ? 11 MVA C C      1 
HETATM 671 O O      . MVA C 2 11 ? -1.738  5.711   1.971   1.00 0.00 ? 11 MVA C O      1 
HETATM 672 H HN1    . MVA C 2 11 ? -0.341  4.996   -1.791  1.00 0.00 ? 11 MVA C HN1    1 
HETATM 673 H HN2    . MVA C 2 11 ? -1.086  6.587   -2.052  1.00 0.00 ? 11 MVA C HN2    1 
HETATM 674 H HN3    . MVA C 2 11 ? -1.237  5.299   -3.300  1.00 0.00 ? 11 MVA C HN3    1 
HETATM 675 H HA     . MVA C 2 11 ? -2.302  6.735   -0.422  1.00 0.00 ? 11 MVA C HA     1 
HETATM 676 H HB     . MVA C 2 11 ? -4.375  4.622   0.199   1.00 0.00 ? 11 MVA C HB     1 
HETATM 677 H HG11   . MVA C 2 11 ? -3.560  7.132   1.588   1.00 0.00 ? 11 MVA C HG11   1 
HETATM 678 H HG12   . MVA C 2 11 ? -4.311  5.677   2.244   1.00 0.00 ? 11 MVA C HG12   1 
HETATM 679 H HG13   . MVA C 2 11 ? -5.294  6.873   1.399   1.00 0.00 ? 11 MVA C HG13   1 
HETATM 680 H HG21   . MVA C 2 11 ? -4.630  5.885   -1.962  1.00 0.00 ? 11 MVA C HG21   1 
HETATM 681 H HG22   . MVA C 2 11 ? -4.664  7.387   -1.035  1.00 0.00 ? 11 MVA C HG22   1 
HETATM 682 H HG23   . MVA C 2 11 ? -5.943  6.191   -0.824  1.00 0.00 ? 11 MVA C HG23   1 
# 
